data_2HUN
#
_entry.id   2HUN
#
_cell.length_a   142.892
_cell.length_b   73.677
_cell.length_c   100.222
_cell.angle_alpha   90.00
_cell.angle_beta   128.995
_cell.angle_gamma   90.00
#
_symmetry.space_group_name_H-M   'C 1 2 1'
#
loop_
_entity.id
_entity.type
_entity.pdbx_description
1 polymer '336aa long hypothetical dTDP-glucose 4,6-dehydratase'
2 non-polymer NICOTINAMIDE-ADENINE-DINUCLEOTIDE
3 water water
#
_entity_poly.entity_id   1
_entity_poly.type   'polypeptide(L)'
_entity_poly.pdbx_seq_one_letter_code
;MHSMKLLVTGGMGFIGSNFIRYILEKHPDWEVINIDKLGYGSNPANLKDLEDDPRYTFVKGDVADYELVKELVRKVDGVV
HLAAESHVDRSISSPEIFLHSNVIGTYTLLESIRRENPEVRFVHVSTDEVYGDILKGSFTENDRLMPSSPYSATKAASDM
LVLGWTRTYNLNASITRCTNNYGPYQFPEKLIPKTIIRASLGLKIPIYGTGKNVRDWLYVEDHVRAIELVLLKGESREIY
NISAGEEKTNLEVVKIILRLMGKGEELIELVEDRPGHDLRYSLDSWKITRDLKWRPKYTFDEGIKKTIDWYLKNEWWWKP
LVDERILHPTPWKLKW
;
_entity_poly.pdbx_strand_id   A,B
#
# COMPACT_ATOMS: atom_id res chain seq x y z
N SER A 3 -24.52 23.91 -5.02
CA SER A 3 -23.20 24.59 -5.09
C SER A 3 -22.13 23.81 -4.34
N MET A 4 -21.01 23.56 -5.01
CA MET A 4 -19.90 22.82 -4.44
C MET A 4 -18.62 23.20 -5.16
N LYS A 5 -17.57 23.53 -4.41
CA LYS A 5 -16.27 23.87 -5.01
C LYS A 5 -15.41 22.61 -4.97
N LEU A 6 -14.89 22.22 -6.13
CA LEU A 6 -14.05 21.02 -6.20
C LEU A 6 -12.62 21.29 -6.60
N LEU A 7 -11.71 20.54 -5.99
CA LEU A 7 -10.31 20.61 -6.33
C LEU A 7 -10.09 19.32 -7.10
N VAL A 8 -9.75 19.42 -8.38
CA VAL A 8 -9.50 18.23 -9.19
C VAL A 8 -8.01 18.14 -9.51
N THR A 9 -7.34 17.12 -8.98
CA THR A 9 -5.91 16.96 -9.26
C THR A 9 -5.75 16.17 -10.54
N GLY A 10 -4.70 16.47 -11.29
CA GLY A 10 -4.46 15.77 -12.56
C GLY A 10 -5.57 16.05 -13.55
N GLY A 11 -6.19 17.23 -13.42
CA GLY A 11 -7.27 17.60 -14.31
C GLY A 11 -6.93 17.83 -15.77
N MET A 12 -5.64 18.05 -16.06
CA MET A 12 -5.22 18.29 -17.45
C MET A 12 -4.96 16.99 -18.19
N GLY A 13 -5.26 15.87 -17.52
CA GLY A 13 -5.06 14.56 -18.13
C GLY A 13 -6.31 14.01 -18.80
N PHE A 14 -6.22 12.78 -19.27
CA PHE A 14 -7.32 12.11 -19.98
C PHE A 14 -8.64 12.08 -19.20
N ILE A 15 -8.67 11.34 -18.10
CA ILE A 15 -9.88 11.22 -17.31
C ILE A 15 -10.22 12.51 -16.56
N GLY A 16 -9.19 13.19 -16.06
CA GLY A 16 -9.42 14.45 -15.34
C GLY A 16 -10.16 15.46 -16.19
N SER A 17 -9.72 15.65 -17.43
CA SER A 17 -10.36 16.60 -18.34
C SER A 17 -11.79 16.21 -18.62
N ASN A 18 -12.02 14.93 -18.89
CA ASN A 18 -13.38 14.48 -19.14
C ASN A 18 -14.26 14.74 -17.90
N PHE A 19 -13.70 14.52 -16.71
CA PHE A 19 -14.44 14.75 -15.48
C PHE A 19 -14.83 16.22 -15.34
N ILE A 20 -13.83 17.10 -15.47
CA ILE A 20 -14.07 18.53 -15.36
C ILE A 20 -15.13 19.06 -16.33
N ARG A 21 -15.03 18.67 -17.61
CA ARG A 21 -16.01 19.13 -18.60
C ARG A 21 -17.42 18.65 -18.19
N TYR A 22 -17.50 17.38 -17.82
CA TYR A 22 -18.77 16.78 -17.40
C TYR A 22 -19.33 17.53 -16.18
N ILE A 23 -18.52 17.66 -15.14
CA ILE A 23 -18.94 18.34 -13.92
C ILE A 23 -19.46 19.77 -14.14
N LEU A 24 -18.71 20.59 -14.87
CA LEU A 24 -19.13 21.96 -15.13
C LEU A 24 -20.37 22.01 -16.00
N GLU A 25 -20.54 21.01 -16.84
CA GLU A 25 -21.70 20.97 -17.72
C GLU A 25 -22.96 20.57 -16.98
N LYS A 26 -22.85 19.59 -16.08
CA LYS A 26 -24.00 19.11 -15.31
C LYS A 26 -24.37 19.94 -14.08
N HIS A 27 -23.41 20.70 -13.56
CA HIS A 27 -23.65 21.49 -12.37
C HIS A 27 -23.34 22.98 -12.59
N PRO A 28 -24.34 23.76 -13.05
CA PRO A 28 -24.23 25.19 -13.31
C PRO A 28 -23.57 26.03 -12.21
N ASP A 29 -23.82 25.68 -10.96
CA ASP A 29 -23.29 26.43 -9.84
C ASP A 29 -22.03 25.90 -9.17
N TRP A 30 -21.50 24.80 -9.68
CA TRP A 30 -20.27 24.23 -9.12
C TRP A 30 -19.06 24.95 -9.66
N GLU A 31 -17.94 24.85 -8.95
CA GLU A 31 -16.70 25.48 -9.37
C GLU A 31 -15.56 24.47 -9.32
N VAL A 32 -14.59 24.63 -10.20
CA VAL A 32 -13.47 23.72 -10.26
C VAL A 32 -12.10 24.41 -10.27
N ILE A 33 -11.20 23.89 -9.45
CA ILE A 33 -9.84 24.37 -9.41
C ILE A 33 -9.06 23.14 -9.83
N ASN A 34 -8.36 23.23 -10.94
CA ASN A 34 -7.57 22.12 -11.47
C ASN A 34 -6.09 22.32 -11.18
N ILE A 35 -5.52 21.42 -10.39
CA ILE A 35 -4.10 21.50 -10.09
C ILE A 35 -3.45 20.38 -10.86
N ASP A 36 -2.53 20.75 -11.75
CA ASP A 36 -1.84 19.78 -12.58
C ASP A 36 -0.46 20.34 -12.77
N LYS A 37 0.48 19.43 -12.73
CA LYS A 37 1.88 19.73 -12.84
C LYS A 37 2.34 19.87 -14.30
N LEU A 38 1.47 19.47 -15.22
CA LEU A 38 1.73 19.49 -16.66
C LEU A 38 2.89 18.60 -17.03
N GLY A 39 2.84 17.36 -16.58
CA GLY A 39 3.89 16.41 -16.90
C GLY A 39 3.38 15.35 -17.88
N TYR A 40 3.95 14.17 -17.81
CA TYR A 40 3.54 13.07 -18.68
C TYR A 40 2.02 12.88 -18.72
N GLY A 41 1.46 12.89 -19.92
CA GLY A 41 0.03 12.69 -20.08
C GLY A 41 -0.82 13.95 -20.12
N SER A 42 -0.29 15.06 -19.61
CA SER A 42 -1.05 16.30 -19.60
C SER A 42 -1.16 16.93 -20.99
N ASN A 43 -2.26 17.64 -21.21
CA ASN A 43 -2.49 18.31 -22.48
C ASN A 43 -3.43 19.48 -22.28
N PRO A 44 -2.89 20.70 -22.18
CA PRO A 44 -3.65 21.93 -21.99
C PRO A 44 -4.79 22.08 -23.00
N ALA A 45 -4.60 21.48 -24.18
CA ALA A 45 -5.60 21.54 -25.23
C ALA A 45 -6.90 20.86 -24.80
N ASN A 46 -6.80 19.92 -23.87
CA ASN A 46 -7.95 19.19 -23.37
C ASN A 46 -9.02 20.13 -22.81
N LEU A 47 -8.59 21.21 -22.17
CA LEU A 47 -9.51 22.15 -21.56
C LEU A 47 -9.40 23.61 -22.02
N LYS A 48 -8.80 23.85 -23.17
CA LYS A 48 -8.64 25.22 -23.63
C LYS A 48 -9.93 26.02 -23.79
N ASP A 49 -11.02 25.35 -24.15
CA ASP A 49 -12.28 26.08 -24.32
C ASP A 49 -12.99 26.40 -23.01
N LEU A 50 -12.47 25.89 -21.89
CA LEU A 50 -13.05 26.16 -20.58
C LEU A 50 -12.12 27.07 -19.80
N GLU A 51 -10.89 27.20 -20.29
CA GLU A 51 -9.88 28.02 -19.64
C GLU A 51 -10.41 29.27 -18.97
N ASP A 52 -11.19 30.05 -19.71
CA ASP A 52 -11.72 31.30 -19.18
C ASP A 52 -13.12 31.29 -18.59
N ASP A 53 -13.72 30.11 -18.46
CA ASP A 53 -15.04 30.05 -17.85
C ASP A 53 -14.79 30.52 -16.43
N PRO A 54 -15.63 31.41 -15.89
CA PRO A 54 -15.42 31.91 -14.53
C PRO A 54 -15.43 30.86 -13.41
N ARG A 55 -16.13 29.75 -13.64
CA ARG A 55 -16.22 28.70 -12.63
C ARG A 55 -14.99 27.80 -12.61
N TYR A 56 -14.07 28.01 -13.55
CA TYR A 56 -12.87 27.19 -13.67
C TYR A 56 -11.59 27.97 -13.37
N THR A 57 -10.67 27.36 -12.63
CA THR A 57 -9.40 27.98 -12.29
C THR A 57 -8.31 26.93 -12.40
N PHE A 58 -7.25 27.24 -13.13
CA PHE A 58 -6.14 26.30 -13.28
C PHE A 58 -4.95 26.72 -12.43
N VAL A 59 -4.42 25.75 -11.68
CA VAL A 59 -3.27 25.99 -10.84
C VAL A 59 -2.17 24.99 -11.21
N LYS A 60 -1.08 25.51 -11.75
CA LYS A 60 0.05 24.68 -12.13
C LYS A 60 0.87 24.38 -10.88
N GLY A 61 1.03 23.10 -10.58
CA GLY A 61 1.78 22.70 -9.40
C GLY A 61 1.71 21.22 -9.14
N ASP A 62 2.54 20.77 -8.20
CA ASP A 62 2.64 19.36 -7.81
C ASP A 62 1.84 19.11 -6.52
N VAL A 63 0.98 18.09 -6.52
CA VAL A 63 0.21 17.78 -5.33
C VAL A 63 1.12 17.50 -4.15
N ALA A 64 2.39 17.22 -4.44
CA ALA A 64 3.38 16.94 -3.40
C ALA A 64 3.93 18.24 -2.81
N ASP A 65 3.44 19.37 -3.29
CA ASP A 65 3.88 20.68 -2.81
C ASP A 65 2.91 21.09 -1.71
N TYR A 66 3.23 20.69 -0.47
CA TYR A 66 2.35 20.99 0.65
C TYR A 66 1.89 22.44 0.75
N GLU A 67 2.84 23.38 0.75
CA GLU A 67 2.52 24.80 0.86
C GLU A 67 1.50 25.27 -0.16
N LEU A 68 1.62 24.80 -1.40
CA LEU A 68 0.69 25.21 -2.44
C LEU A 68 -0.63 24.46 -2.29
N VAL A 69 -0.56 23.15 -2.09
CA VAL A 69 -1.75 22.32 -1.97
C VAL A 69 -2.65 22.65 -0.79
N LYS A 70 -2.08 22.92 0.38
CA LYS A 70 -2.88 23.23 1.55
C LYS A 70 -3.80 24.42 1.31
N GLU A 71 -3.29 25.42 0.60
CA GLU A 71 -4.08 26.62 0.30
C GLU A 71 -5.31 26.28 -0.54
N LEU A 72 -5.15 25.34 -1.46
CA LEU A 72 -6.26 24.95 -2.32
C LEU A 72 -7.28 24.09 -1.56
N VAL A 73 -6.78 23.14 -0.77
CA VAL A 73 -7.65 22.27 0.00
C VAL A 73 -8.51 23.06 0.98
N ARG A 74 -7.90 24.10 1.56
CA ARG A 74 -8.59 24.97 2.52
C ARG A 74 -9.88 25.58 1.99
N LYS A 75 -9.92 25.88 0.70
CA LYS A 75 -11.08 26.55 0.12
C LYS A 75 -12.09 25.73 -0.68
N VAL A 76 -11.98 24.40 -0.71
CA VAL A 76 -12.94 23.61 -1.48
C VAL A 76 -13.86 22.76 -0.61
N ASP A 77 -14.92 22.24 -1.24
CA ASP A 77 -15.89 21.39 -0.55
C ASP A 77 -15.60 19.92 -0.84
N GLY A 78 -14.93 19.68 -1.96
CA GLY A 78 -14.60 18.31 -2.35
C GLY A 78 -13.28 18.24 -3.09
N VAL A 79 -12.66 17.07 -3.05
CA VAL A 79 -11.39 16.83 -3.72
C VAL A 79 -11.44 15.53 -4.49
N VAL A 80 -11.22 15.60 -5.80
CA VAL A 80 -11.22 14.41 -6.65
C VAL A 80 -9.77 14.26 -7.11
N HIS A 81 -9.09 13.25 -6.58
CA HIS A 81 -7.65 12.96 -6.78
C HIS A 81 -7.34 12.06 -8.01
N LEU A 82 -7.05 12.64 -9.17
CA LEU A 82 -6.70 11.85 -10.34
C LEU A 82 -5.20 11.89 -10.66
N ALA A 83 -4.49 12.87 -10.11
CA ALA A 83 -3.07 13.02 -10.36
C ALA A 83 -2.22 11.79 -10.02
N ALA A 84 -1.42 11.35 -10.98
CA ALA A 84 -0.55 10.19 -10.79
C ALA A 84 0.32 9.97 -12.02
N GLU A 85 1.40 9.21 -11.83
CA GLU A 85 2.31 8.82 -12.90
C GLU A 85 1.83 7.40 -13.18
N SER A 86 1.48 7.09 -14.43
CA SER A 86 0.93 5.77 -14.73
C SER A 86 1.53 4.93 -15.84
N HIS A 87 2.73 5.30 -16.28
CA HIS A 87 3.37 4.56 -17.37
C HIS A 87 4.17 3.38 -16.83
N VAL A 88 3.58 2.18 -16.92
CA VAL A 88 4.21 0.97 -16.42
C VAL A 88 5.70 0.84 -16.75
N ASP A 89 6.06 0.70 -18.02
CA ASP A 89 7.48 0.54 -18.38
C ASP A 89 8.34 1.65 -17.78
N ARG A 90 7.81 2.86 -17.72
CA ARG A 90 8.55 3.96 -17.13
C ARG A 90 8.72 3.73 -15.62
N SER A 91 7.76 3.05 -15.00
CA SER A 91 7.83 2.79 -13.56
C SER A 91 8.89 1.74 -13.25
N ILE A 92 9.14 0.85 -14.20
CA ILE A 92 10.15 -0.20 -14.02
C ILE A 92 11.56 0.38 -14.15
N SER A 93 11.72 1.37 -15.04
CA SER A 93 13.01 2.01 -15.26
C SER A 93 13.38 2.99 -14.16
N SER A 94 12.45 3.88 -13.82
CA SER A 94 12.69 4.86 -12.77
C SER A 94 11.47 4.97 -11.86
N PRO A 95 11.39 4.08 -10.85
CA PRO A 95 10.27 4.07 -9.91
C PRO A 95 10.18 5.32 -9.04
N GLU A 96 11.30 6.03 -8.86
CA GLU A 96 11.30 7.22 -8.03
C GLU A 96 10.16 8.15 -8.41
N ILE A 97 10.00 8.35 -9.72
CA ILE A 97 8.96 9.21 -10.24
C ILE A 97 7.59 8.79 -9.71
N PHE A 98 7.37 7.49 -9.60
CA PHE A 98 6.08 6.99 -9.14
C PHE A 98 5.89 7.08 -7.63
N LEU A 99 6.95 6.84 -6.86
CA LEU A 99 6.87 6.94 -5.41
C LEU A 99 6.50 8.37 -5.06
N HIS A 100 7.16 9.32 -5.73
CA HIS A 100 6.91 10.73 -5.48
C HIS A 100 5.50 11.23 -5.77
N SER A 101 5.05 11.02 -7.01
CA SER A 101 3.72 11.48 -7.40
C SER A 101 2.58 10.64 -6.82
N ASN A 102 2.73 9.31 -6.85
CA ASN A 102 1.67 8.45 -6.36
C ASN A 102 1.61 8.31 -4.84
N VAL A 103 2.73 8.01 -4.22
CA VAL A 103 2.77 7.86 -2.77
C VAL A 103 2.93 9.19 -2.02
N ILE A 104 4.03 9.90 -2.26
CA ILE A 104 4.25 11.17 -1.57
C ILE A 104 3.13 12.17 -1.90
N GLY A 105 2.73 12.20 -3.16
CA GLY A 105 1.67 13.11 -3.56
C GLY A 105 0.38 12.85 -2.82
N THR A 106 -0.01 11.59 -2.68
CA THR A 106 -1.25 11.28 -2.00
C THR A 106 -1.12 11.59 -0.51
N TYR A 107 0.04 11.26 0.06
CA TYR A 107 0.35 11.53 1.46
C TYR A 107 0.17 13.04 1.74
N THR A 108 0.77 13.86 0.89
CA THR A 108 0.71 15.31 1.03
C THR A 108 -0.73 15.82 0.99
N LEU A 109 -1.53 15.27 0.09
CA LEU A 109 -2.92 15.66 -0.04
C LEU A 109 -3.67 15.27 1.24
N LEU A 110 -3.40 14.07 1.75
CA LEU A 110 -4.04 13.59 2.97
C LEU A 110 -3.67 14.49 4.15
N GLU A 111 -2.40 14.86 4.22
CA GLU A 111 -1.95 15.73 5.31
C GLU A 111 -2.62 17.08 5.24
N SER A 112 -2.70 17.67 4.05
CA SER A 112 -3.32 18.97 3.90
C SER A 112 -4.79 18.88 4.30
N ILE A 113 -5.43 17.77 3.95
CA ILE A 113 -6.83 17.59 4.30
C ILE A 113 -7.05 17.48 5.81
N ARG A 114 -6.28 16.64 6.50
CA ARG A 114 -6.47 16.48 7.94
C ARG A 114 -5.93 17.66 8.75
N ARG A 115 -4.96 18.39 8.20
CA ARG A 115 -4.41 19.54 8.92
C ARG A 115 -5.23 20.80 8.69
N GLU A 116 -5.79 20.97 7.49
CA GLU A 116 -6.57 22.17 7.16
C GLU A 116 -8.09 22.05 7.11
N ASN A 117 -8.60 20.95 6.55
CA ASN A 117 -10.03 20.82 6.40
C ASN A 117 -10.50 19.36 6.40
N PRO A 118 -10.51 18.71 7.58
CA PRO A 118 -10.92 17.31 7.70
C PRO A 118 -12.34 16.98 7.26
N GLU A 119 -13.17 17.99 7.03
CA GLU A 119 -14.55 17.74 6.62
C GLU A 119 -14.74 17.71 5.10
N VAL A 120 -13.67 18.02 4.37
CA VAL A 120 -13.74 18.03 2.90
C VAL A 120 -14.05 16.61 2.38
N ARG A 121 -14.86 16.52 1.34
CA ARG A 121 -15.20 15.22 0.76
C ARG A 121 -14.07 14.84 -0.20
N PHE A 122 -13.41 13.72 0.09
CA PHE A 122 -12.27 13.27 -0.71
C PHE A 122 -12.48 11.95 -1.45
N VAL A 123 -12.21 11.95 -2.75
CA VAL A 123 -12.31 10.74 -3.57
C VAL A 123 -10.93 10.46 -4.16
N HIS A 124 -10.37 9.31 -3.80
CA HIS A 124 -9.06 8.86 -4.27
C HIS A 124 -9.29 7.91 -5.44
N VAL A 125 -8.80 8.30 -6.62
CA VAL A 125 -8.94 7.48 -7.82
C VAL A 125 -7.76 6.50 -7.96
N SER A 126 -8.08 5.22 -8.10
CA SER A 126 -7.04 4.20 -8.21
C SER A 126 -7.31 3.25 -9.39
N THR A 127 -6.54 2.16 -9.46
CA THR A 127 -6.63 1.21 -10.57
C THR A 127 -6.89 -0.26 -10.28
N ASP A 128 -7.45 -0.95 -11.27
CA ASP A 128 -7.74 -2.37 -11.18
C ASP A 128 -6.43 -3.17 -11.12
N GLU A 129 -5.34 -2.51 -11.47
CA GLU A 129 -4.04 -3.18 -11.45
C GLU A 129 -3.50 -3.47 -10.05
N VAL A 130 -4.06 -2.80 -9.03
CA VAL A 130 -3.58 -3.03 -7.67
C VAL A 130 -3.74 -4.49 -7.25
N TYR A 131 -4.78 -5.14 -7.78
CA TYR A 131 -5.07 -6.53 -7.46
C TYR A 131 -4.22 -7.57 -8.20
N GLY A 132 -3.50 -7.15 -9.22
CA GLY A 132 -2.71 -8.11 -9.98
C GLY A 132 -3.64 -8.90 -10.89
N ASP A 133 -3.10 -9.88 -11.61
CA ASP A 133 -3.94 -10.64 -12.53
C ASP A 133 -4.77 -11.76 -11.92
N ILE A 134 -5.70 -12.29 -12.70
CA ILE A 134 -6.57 -13.36 -12.25
C ILE A 134 -7.11 -14.11 -13.48
N LEU A 135 -6.78 -15.40 -13.55
CA LEU A 135 -7.22 -16.22 -14.68
C LEU A 135 -8.72 -16.42 -14.77
N LYS A 136 -9.37 -16.61 -13.64
CA LYS A 136 -10.81 -16.82 -13.64
C LYS A 136 -11.49 -16.12 -12.46
N GLY A 137 -12.63 -15.50 -12.72
CA GLY A 137 -13.35 -14.79 -11.67
C GLY A 137 -13.00 -13.31 -11.66
N SER A 138 -13.37 -12.63 -10.56
CA SER A 138 -13.11 -11.19 -10.44
C SER A 138 -12.83 -10.83 -8.99
N PHE A 139 -11.97 -9.83 -8.79
CA PHE A 139 -11.59 -9.36 -7.47
C PHE A 139 -12.63 -8.42 -6.85
N THR A 140 -12.89 -8.60 -5.56
CA THR A 140 -13.82 -7.72 -4.87
C THR A 140 -12.94 -6.79 -4.04
N GLU A 141 -13.54 -5.75 -3.50
CA GLU A 141 -12.80 -4.79 -2.68
C GLU A 141 -12.31 -5.44 -1.39
N ASN A 142 -12.73 -6.68 -1.11
CA ASN A 142 -12.27 -7.35 0.10
C ASN A 142 -11.08 -8.29 -0.13
N ASP A 143 -10.59 -8.35 -1.37
CA ASP A 143 -9.46 -9.23 -1.68
C ASP A 143 -8.13 -8.50 -1.51
N ARG A 144 -7.08 -9.25 -1.22
CA ARG A 144 -5.75 -8.70 -1.04
C ARG A 144 -5.29 -8.08 -2.35
N LEU A 145 -4.26 -7.25 -2.26
CA LEU A 145 -3.71 -6.63 -3.44
C LEU A 145 -2.45 -7.44 -3.80
N MET A 146 -2.03 -7.34 -5.05
CA MET A 146 -0.83 -8.04 -5.51
C MET A 146 -0.27 -7.28 -6.72
N PRO A 147 0.21 -6.04 -6.50
CA PRO A 147 0.77 -5.23 -7.58
C PRO A 147 1.98 -5.89 -8.22
N SER A 148 2.07 -5.85 -9.55
CA SER A 148 3.19 -6.48 -10.24
C SER A 148 4.18 -5.49 -10.85
N SER A 149 3.98 -4.20 -10.60
CA SER A 149 4.90 -3.19 -11.13
C SER A 149 5.05 -2.06 -10.13
N PRO A 150 6.11 -1.25 -10.25
CA PRO A 150 6.29 -0.14 -9.30
C PRO A 150 5.10 0.81 -9.41
N TYR A 151 4.55 0.92 -10.61
CA TYR A 151 3.40 1.78 -10.81
C TYR A 151 2.22 1.32 -9.96
N SER A 152 1.82 0.06 -10.11
CA SER A 152 0.67 -0.44 -9.37
C SER A 152 0.99 -0.60 -7.88
N ALA A 153 2.26 -0.82 -7.56
CA ALA A 153 2.66 -0.96 -6.16
C ALA A 153 2.55 0.39 -5.45
N THR A 154 2.88 1.47 -6.17
CA THR A 154 2.80 2.80 -5.59
C THR A 154 1.34 3.25 -5.51
N LYS A 155 0.53 2.83 -6.48
CA LYS A 155 -0.89 3.18 -6.43
C LYS A 155 -1.48 2.44 -5.22
N ALA A 156 -1.09 1.17 -5.06
CA ALA A 156 -1.57 0.34 -3.95
C ALA A 156 -1.15 0.94 -2.62
N ALA A 157 0.10 1.39 -2.55
CA ALA A 157 0.62 2.01 -1.34
C ALA A 157 -0.18 3.26 -1.01
N SER A 158 -0.54 4.04 -2.03
CA SER A 158 -1.31 5.26 -1.78
C SER A 158 -2.71 4.90 -1.25
N ASP A 159 -3.31 3.83 -1.77
CA ASP A 159 -4.62 3.41 -1.28
C ASP A 159 -4.55 3.14 0.23
N MET A 160 -3.52 2.44 0.66
CA MET A 160 -3.35 2.10 2.07
C MET A 160 -3.28 3.35 2.96
N LEU A 161 -2.56 4.38 2.51
CA LEU A 161 -2.44 5.61 3.30
C LEU A 161 -3.82 6.24 3.44
N VAL A 162 -4.58 6.27 2.35
CA VAL A 162 -5.91 6.85 2.41
C VAL A 162 -6.80 6.14 3.42
N LEU A 163 -6.76 4.80 3.43
CA LEU A 163 -7.57 4.03 4.38
C LEU A 163 -7.16 4.36 5.81
N GLY A 164 -5.86 4.43 6.05
CA GLY A 164 -5.35 4.72 7.38
C GLY A 164 -5.66 6.11 7.89
N TRP A 165 -5.37 7.13 7.06
CA TRP A 165 -5.61 8.52 7.44
C TRP A 165 -7.10 8.78 7.67
N THR A 166 -7.95 8.17 6.85
CA THR A 166 -9.39 8.33 6.97
C THR A 166 -9.89 7.94 8.36
N ARG A 167 -9.41 6.80 8.86
CA ARG A 167 -9.81 6.30 10.17
C ARG A 167 -9.11 7.05 11.30
N THR A 168 -7.84 7.38 11.08
CA THR A 168 -7.09 8.09 12.10
C THR A 168 -7.66 9.47 12.40
N TYR A 169 -7.95 10.23 11.35
CA TYR A 169 -8.45 11.59 11.51
C TYR A 169 -9.92 11.80 11.17
N ASN A 170 -10.68 10.70 11.11
CA ASN A 170 -12.09 10.76 10.80
C ASN A 170 -12.43 11.58 9.57
N LEU A 171 -11.74 11.29 8.47
CA LEU A 171 -11.99 12.00 7.23
C LEU A 171 -13.21 11.44 6.51
N ASN A 172 -13.67 12.15 5.48
CA ASN A 172 -14.80 11.74 4.68
C ASN A 172 -14.18 11.40 3.34
N ALA A 173 -13.63 10.19 3.23
CA ALA A 173 -12.94 9.78 2.02
C ALA A 173 -13.28 8.39 1.52
N SER A 174 -13.40 8.26 0.20
CA SER A 174 -13.66 6.97 -0.44
C SER A 174 -12.59 6.76 -1.51
N ILE A 175 -12.44 5.51 -1.95
CA ILE A 175 -11.46 5.16 -2.97
C ILE A 175 -12.20 4.48 -4.11
N THR A 176 -11.80 4.80 -5.34
CA THR A 176 -12.39 4.16 -6.52
C THR A 176 -11.30 3.39 -7.27
N ARG A 177 -11.69 2.29 -7.89
CA ARG A 177 -10.76 1.48 -8.68
C ARG A 177 -11.50 1.09 -9.95
N CYS A 178 -10.98 1.53 -11.09
CA CYS A 178 -11.62 1.24 -12.37
C CYS A 178 -10.73 0.52 -13.36
N THR A 179 -11.36 -0.07 -14.36
CA THR A 179 -10.66 -0.80 -15.40
C THR A 179 -10.17 0.18 -16.47
N ASN A 180 -9.91 -0.32 -17.67
CA ASN A 180 -9.40 0.51 -18.74
C ASN A 180 -10.40 1.52 -19.31
N ASN A 181 -10.02 2.80 -19.27
CA ASN A 181 -10.88 3.86 -19.82
C ASN A 181 -10.56 4.11 -21.29
N TYR A 182 -11.57 4.55 -22.03
CA TYR A 182 -11.42 4.90 -23.44
C TYR A 182 -12.46 5.97 -23.75
N GLY A 183 -12.17 6.81 -24.74
CA GLY A 183 -13.08 7.87 -25.09
C GLY A 183 -12.31 9.11 -25.49
N PRO A 184 -12.99 10.28 -25.56
CA PRO A 184 -12.36 11.55 -25.93
C PRO A 184 -11.12 11.90 -25.12
N TYR A 185 -10.15 12.54 -25.76
CA TYR A 185 -8.93 12.99 -25.10
C TYR A 185 -7.91 11.94 -24.65
N GLN A 186 -8.04 10.71 -25.12
CA GLN A 186 -7.06 9.68 -24.77
C GLN A 186 -5.91 9.81 -25.78
N PHE A 187 -4.66 9.76 -25.32
CA PHE A 187 -3.53 9.87 -26.22
C PHE A 187 -3.54 8.79 -27.31
N PRO A 188 -3.19 9.17 -28.56
CA PRO A 188 -3.13 8.38 -29.78
C PRO A 188 -2.48 6.99 -29.80
N GLU A 189 -1.50 6.75 -28.95
CA GLU A 189 -0.87 5.43 -28.97
C GLU A 189 -1.63 4.36 -28.19
N LYS A 190 -2.67 4.75 -27.45
CA LYS A 190 -3.45 3.77 -26.71
C LYS A 190 -4.24 2.97 -27.75
N LEU A 191 -4.44 1.69 -27.49
CA LEU A 191 -5.16 0.79 -28.41
C LEU A 191 -6.31 1.33 -29.26
N ILE A 192 -7.38 1.77 -28.61
CA ILE A 192 -8.57 2.24 -29.30
C ILE A 192 -8.31 3.49 -30.17
N PRO A 193 -7.62 4.49 -29.63
CA PRO A 193 -7.35 5.69 -30.44
C PRO A 193 -6.44 5.34 -31.63
N LYS A 194 -5.38 4.60 -31.35
CA LYS A 194 -4.44 4.19 -32.40
C LYS A 194 -5.18 3.46 -33.50
N THR A 195 -6.05 2.53 -33.13
CA THR A 195 -6.81 1.76 -34.11
C THR A 195 -7.69 2.65 -34.99
N ILE A 196 -8.43 3.56 -34.37
CA ILE A 196 -9.31 4.46 -35.12
C ILE A 196 -8.51 5.32 -36.09
N ILE A 197 -7.46 5.96 -35.58
CA ILE A 197 -6.61 6.82 -36.39
C ILE A 197 -6.01 6.07 -37.58
N ARG A 198 -5.32 4.96 -37.32
CA ARG A 198 -4.71 4.18 -38.38
C ARG A 198 -5.73 3.66 -39.41
N ALA A 199 -6.89 3.20 -38.94
CA ALA A 199 -7.90 2.68 -39.85
C ALA A 199 -8.44 3.78 -40.76
N SER A 200 -8.61 4.98 -40.21
CA SER A 200 -9.12 6.09 -41.01
C SER A 200 -8.10 6.47 -42.08
N LEU A 201 -6.86 6.01 -41.90
CA LEU A 201 -5.77 6.29 -42.82
C LEU A 201 -5.40 5.06 -43.66
N GLY A 202 -6.27 4.07 -43.67
CA GLY A 202 -6.02 2.86 -44.42
C GLY A 202 -4.75 2.12 -44.03
N LEU A 203 -4.28 2.32 -42.81
CA LEU A 203 -3.07 1.65 -42.35
C LEU A 203 -3.41 0.31 -41.70
N LYS A 204 -2.48 -0.63 -41.81
CA LYS A 204 -2.67 -1.97 -41.24
C LYS A 204 -2.68 -1.92 -39.72
N ILE A 205 -3.65 -2.59 -39.13
CA ILE A 205 -3.77 -2.65 -37.68
C ILE A 205 -3.13 -3.96 -37.23
N PRO A 206 -1.98 -3.90 -36.55
CA PRO A 206 -1.35 -5.14 -36.13
C PRO A 206 -2.05 -5.77 -34.95
N ILE A 207 -1.97 -7.09 -34.85
CA ILE A 207 -2.54 -7.86 -33.77
C ILE A 207 -1.63 -9.03 -33.41
N TYR A 208 -0.91 -8.87 -32.30
CA TYR A 208 0.11 -9.86 -31.99
C TYR A 208 -0.50 -11.14 -31.43
N GLY A 209 -0.57 -12.15 -32.30
CA GLY A 209 -0.90 -13.50 -31.85
C GLY A 209 -2.37 -13.68 -31.44
N THR A 210 -3.28 -13.15 -32.28
CA THR A 210 -4.71 -13.35 -32.03
C THR A 210 -5.14 -12.92 -30.63
N VAL A 214 -8.26 -11.28 -21.64
CA VAL A 214 -8.94 -10.01 -21.72
C VAL A 214 -8.68 -8.84 -20.79
N ARG A 215 -9.31 -7.73 -21.15
CA ARG A 215 -9.29 -6.49 -20.40
C ARG A 215 -10.72 -5.96 -20.44
N ASP A 216 -11.11 -5.29 -19.37
CA ASP A 216 -12.44 -4.72 -19.29
C ASP A 216 -12.34 -3.29 -19.82
N TRP A 217 -13.27 -2.90 -20.68
CA TRP A 217 -13.26 -1.56 -21.23
C TRP A 217 -14.42 -0.75 -20.72
N LEU A 218 -14.10 0.40 -20.15
CA LEU A 218 -15.11 1.29 -19.57
C LEU A 218 -15.09 2.66 -20.25
N TYR A 219 -16.21 3.06 -20.84
CA TYR A 219 -16.28 4.38 -21.49
C TYR A 219 -15.98 5.42 -20.43
N VAL A 220 -15.05 6.35 -20.73
CA VAL A 220 -14.66 7.36 -19.76
C VAL A 220 -15.82 8.13 -19.11
N GLU A 221 -16.83 8.50 -19.88
CA GLU A 221 -17.94 9.23 -19.28
C GLU A 221 -18.64 8.39 -18.20
N ASP A 222 -18.69 7.07 -18.39
CA ASP A 222 -19.30 6.19 -17.41
C ASP A 222 -18.45 6.14 -16.14
N HIS A 223 -17.13 6.20 -16.31
CA HIS A 223 -16.23 6.21 -15.17
C HIS A 223 -16.53 7.53 -14.44
N VAL A 224 -16.61 8.61 -15.20
CA VAL A 224 -16.89 9.95 -14.67
C VAL A 224 -18.19 9.96 -13.87
N ARG A 225 -19.23 9.33 -14.41
CA ARG A 225 -20.52 9.29 -13.72
C ARG A 225 -20.40 8.53 -12.42
N ALA A 226 -19.60 7.47 -12.42
CA ALA A 226 -19.37 6.68 -11.22
C ALA A 226 -18.65 7.53 -10.16
N ILE A 227 -17.61 8.24 -10.56
CA ILE A 227 -16.87 9.09 -9.63
C ILE A 227 -17.83 10.12 -9.00
N GLU A 228 -18.66 10.74 -9.83
CA GLU A 228 -19.62 11.72 -9.36
C GLU A 228 -20.50 11.11 -8.29
N LEU A 229 -21.02 9.92 -8.58
CA LEU A 229 -21.89 9.19 -7.68
C LEU A 229 -21.18 8.90 -6.36
N VAL A 230 -19.94 8.42 -6.44
CA VAL A 230 -19.15 8.11 -5.26
C VAL A 230 -18.90 9.40 -4.46
N LEU A 231 -18.64 10.50 -5.16
CA LEU A 231 -18.39 11.79 -4.52
C LEU A 231 -19.60 12.23 -3.67
N LEU A 232 -20.77 12.21 -4.29
CA LEU A 232 -22.00 12.65 -3.61
C LEU A 232 -22.68 11.62 -2.70
N LYS A 233 -22.52 10.34 -2.98
CA LYS A 233 -23.19 9.33 -2.17
C LYS A 233 -22.32 8.23 -1.55
N GLY A 234 -21.05 8.17 -1.95
CA GLY A 234 -20.16 7.15 -1.41
C GLY A 234 -19.89 7.29 0.08
N GLU A 235 -19.77 6.16 0.76
CA GLU A 235 -19.53 6.16 2.21
C GLU A 235 -18.04 6.24 2.50
N SER A 236 -17.69 6.96 3.56
CA SER A 236 -16.29 7.11 3.95
C SER A 236 -15.70 5.78 4.36
N ARG A 237 -14.39 5.61 4.16
CA ARG A 237 -13.69 4.39 4.51
C ARG A 237 -14.00 3.22 3.57
N GLU A 238 -14.76 3.48 2.52
CA GLU A 238 -15.12 2.43 1.56
C GLU A 238 -14.43 2.52 0.20
N ILE A 239 -14.11 1.35 -0.35
CA ILE A 239 -13.49 1.26 -1.67
C ILE A 239 -14.60 0.83 -2.63
N TYR A 240 -14.60 1.41 -3.83
CA TYR A 240 -15.60 1.09 -4.84
C TYR A 240 -14.96 0.70 -6.17
N ASN A 241 -15.13 -0.56 -6.57
CA ASN A 241 -14.61 -1.03 -7.84
C ASN A 241 -15.55 -0.49 -8.90
N ILE A 242 -15.02 -0.16 -10.07
CA ILE A 242 -15.84 0.35 -11.17
C ILE A 242 -15.43 -0.39 -12.44
N SER A 243 -16.38 -1.16 -13.00
CA SER A 243 -16.14 -1.94 -14.20
C SER A 243 -17.43 -2.09 -15.00
N ALA A 244 -17.28 -2.17 -16.32
CA ALA A 244 -18.43 -2.28 -17.20
C ALA A 244 -18.85 -3.71 -17.50
N GLY A 245 -17.98 -4.68 -17.21
CA GLY A 245 -18.31 -6.05 -17.51
C GLY A 245 -18.23 -6.28 -19.00
N GLU A 246 -17.28 -5.61 -19.65
CA GLU A 246 -17.08 -5.71 -21.10
C GLU A 246 -15.65 -6.17 -21.31
N GLU A 247 -15.38 -7.43 -20.97
CA GLU A 247 -14.02 -7.96 -21.11
C GLU A 247 -13.82 -8.48 -22.52
N LYS A 248 -12.85 -7.90 -23.21
CA LYS A 248 -12.56 -8.28 -24.58
C LYS A 248 -11.07 -8.32 -24.86
N THR A 249 -10.71 -9.03 -25.92
CA THR A 249 -9.32 -9.14 -26.34
C THR A 249 -9.11 -8.05 -27.36
N ASN A 250 -7.84 -7.72 -27.64
CA ASN A 250 -7.56 -6.67 -28.61
C ASN A 250 -8.17 -6.96 -29.96
N LEU A 251 -8.13 -8.22 -30.40
CA LEU A 251 -8.72 -8.57 -31.69
C LEU A 251 -10.21 -8.24 -31.67
N GLU A 252 -10.88 -8.56 -30.58
CA GLU A 252 -12.31 -8.29 -30.44
C GLU A 252 -12.57 -6.79 -30.54
N VAL A 253 -11.75 -6.01 -29.84
CA VAL A 253 -11.89 -4.57 -29.84
C VAL A 253 -11.71 -4.04 -31.26
N VAL A 254 -10.63 -4.47 -31.90
CA VAL A 254 -10.34 -4.04 -33.27
C VAL A 254 -11.47 -4.41 -34.25
N LYS A 255 -11.96 -5.64 -34.18
CA LYS A 255 -13.05 -6.06 -35.08
C LYS A 255 -14.27 -5.18 -34.94
N ILE A 256 -14.58 -4.78 -33.71
CA ILE A 256 -15.75 -3.94 -33.46
C ILE A 256 -15.52 -2.50 -33.94
N ILE A 257 -14.31 -1.99 -33.75
CA ILE A 257 -13.98 -0.64 -34.20
C ILE A 257 -14.13 -0.53 -35.71
N LEU A 258 -13.61 -1.52 -36.43
CA LEU A 258 -13.68 -1.52 -37.89
C LEU A 258 -15.12 -1.60 -38.35
N ARG A 259 -15.90 -2.48 -37.75
CA ARG A 259 -17.30 -2.62 -38.11
C ARG A 259 -18.00 -1.29 -37.94
N LEU A 260 -17.82 -0.67 -36.77
CA LEU A 260 -18.46 0.60 -36.45
C LEU A 260 -17.95 1.76 -37.29
N MET A 261 -16.83 1.55 -37.96
CA MET A 261 -16.27 2.58 -38.82
C MET A 261 -16.75 2.29 -40.25
N GLY A 262 -17.76 1.43 -40.34
CA GLY A 262 -18.33 1.05 -41.61
C GLY A 262 -17.33 0.41 -42.55
N LYS A 263 -16.36 -0.31 -41.98
CA LYS A 263 -15.33 -0.95 -42.79
C LYS A 263 -15.30 -2.46 -42.71
N GLY A 264 -14.32 -3.02 -43.42
CA GLY A 264 -14.12 -4.44 -43.45
C GLY A 264 -12.94 -4.80 -42.57
N GLU A 265 -12.62 -6.08 -42.48
CA GLU A 265 -11.52 -6.51 -41.62
C GLU A 265 -10.19 -6.77 -42.34
N GLU A 266 -10.07 -6.28 -43.58
CA GLU A 266 -8.86 -6.46 -44.39
C GLU A 266 -7.63 -5.82 -43.77
N LEU A 267 -7.84 -4.80 -42.94
CA LEU A 267 -6.76 -4.07 -42.29
C LEU A 267 -6.09 -4.85 -41.17
N ILE A 268 -6.74 -5.91 -40.70
CA ILE A 268 -6.17 -6.71 -39.62
C ILE A 268 -4.99 -7.54 -40.12
N GLU A 269 -3.84 -7.32 -39.51
CA GLU A 269 -2.61 -8.03 -39.87
C GLU A 269 -2.09 -8.77 -38.64
N LEU A 270 -2.40 -10.05 -38.57
CA LEU A 270 -1.88 -10.77 -37.41
C LEU A 270 -0.41 -11.16 -37.62
N VAL A 271 0.44 -10.64 -36.70
CA VAL A 271 1.87 -10.94 -36.76
C VAL A 271 2.27 -11.93 -35.67
N GLU A 272 3.60 -12.16 -35.56
CA GLU A 272 4.09 -13.03 -34.50
C GLU A 272 3.89 -12.41 -33.12
N ASP A 273 3.81 -13.28 -32.10
CA ASP A 273 3.42 -12.82 -30.78
C ASP A 273 4.50 -11.99 -30.07
N ARG A 274 4.05 -11.25 -29.03
CA ARG A 274 4.96 -10.36 -28.31
C ARG A 274 4.85 -10.52 -26.79
N PRO A 275 5.93 -10.11 -26.11
CA PRO A 275 6.06 -10.34 -24.67
C PRO A 275 5.00 -9.63 -23.81
N GLY A 276 4.87 -10.17 -22.57
CA GLY A 276 4.11 -9.51 -21.50
C GLY A 276 2.75 -8.88 -21.87
N HIS A 277 2.00 -9.53 -22.79
CA HIS A 277 0.62 -9.08 -22.96
C HIS A 277 -0.37 -10.23 -22.75
N ASP A 278 -0.14 -10.97 -21.65
CA ASP A 278 -0.77 -12.28 -21.46
C ASP A 278 -1.66 -12.32 -20.21
N LEU A 279 -1.85 -11.16 -19.55
CA LEU A 279 -2.53 -11.20 -18.25
C LEU A 279 -3.97 -10.65 -18.29
N ARG A 280 -4.82 -11.27 -17.48
CA ARG A 280 -6.20 -10.82 -17.36
C ARG A 280 -6.43 -10.07 -16.04
N TYR A 281 -7.13 -8.96 -16.13
CA TYR A 281 -7.47 -8.14 -14.97
C TYR A 281 -8.98 -8.09 -14.96
N SER A 282 -9.59 -8.29 -13.80
CA SER A 282 -11.04 -8.30 -13.73
C SER A 282 -11.55 -7.81 -12.38
N LEU A 283 -12.45 -6.84 -12.41
CA LEU A 283 -13.02 -6.28 -11.19
C LEU A 283 -14.50 -6.62 -11.03
N ASP A 284 -14.87 -6.95 -9.79
CA ASP A 284 -16.25 -7.26 -9.44
C ASP A 284 -16.80 -5.92 -8.93
N SER A 285 -17.67 -5.27 -9.71
CA SER A 285 -18.22 -3.99 -9.29
C SER A 285 -19.65 -4.08 -8.74
N TRP A 286 -19.96 -5.15 -8.03
CA TRP A 286 -21.28 -5.32 -7.45
C TRP A 286 -21.56 -4.34 -6.30
N LYS A 287 -20.53 -4.04 -5.51
CA LYS A 287 -20.68 -3.14 -4.38
C LYS A 287 -21.29 -1.79 -4.77
N ILE A 288 -20.68 -1.13 -5.76
CA ILE A 288 -21.18 0.15 -6.20
C ILE A 288 -22.55 0.01 -6.85
N THR A 289 -22.81 -1.11 -7.49
CA THR A 289 -24.10 -1.33 -8.11
C THR A 289 -25.17 -1.39 -7.03
N ARG A 290 -24.94 -2.23 -6.04
CA ARG A 290 -25.86 -2.45 -4.92
C ARG A 290 -26.10 -1.22 -4.06
N ASP A 291 -25.02 -0.59 -3.61
CA ASP A 291 -25.12 0.58 -2.74
C ASP A 291 -25.48 1.92 -3.40
N LEU A 292 -24.79 2.25 -4.49
CA LEU A 292 -25.04 3.53 -5.15
C LEU A 292 -25.86 3.45 -6.43
N LYS A 293 -26.30 2.26 -6.79
CA LYS A 293 -27.11 2.06 -7.99
C LYS A 293 -26.41 2.47 -9.28
N TRP A 294 -25.09 2.39 -9.32
CA TRP A 294 -24.36 2.75 -10.53
C TRP A 294 -24.46 1.65 -11.60
N ARG A 295 -24.74 2.06 -12.83
CA ARG A 295 -24.84 1.16 -13.98
C ARG A 295 -24.21 1.88 -15.18
N PRO A 296 -23.57 1.13 -16.09
CA PRO A 296 -22.98 1.83 -17.24
C PRO A 296 -24.14 2.42 -18.06
N LYS A 297 -23.95 3.61 -18.59
CA LYS A 297 -24.99 4.27 -19.39
C LYS A 297 -24.87 3.91 -20.87
N TYR A 298 -23.66 3.53 -21.28
CA TYR A 298 -23.37 3.19 -22.67
C TYR A 298 -22.89 1.75 -22.80
N THR A 299 -23.27 1.10 -23.90
CA THR A 299 -22.79 -0.26 -24.16
C THR A 299 -21.41 -0.05 -24.79
N PHE A 300 -20.65 -1.12 -24.99
CA PHE A 300 -19.34 -0.99 -25.58
C PHE A 300 -19.48 -0.39 -26.99
N ASP A 301 -20.48 -0.87 -27.73
CA ASP A 301 -20.74 -0.38 -29.09
C ASP A 301 -21.05 1.11 -29.13
N GLU A 302 -21.86 1.57 -28.19
CA GLU A 302 -22.21 2.99 -28.14
C GLU A 302 -20.99 3.82 -27.77
N GLY A 303 -20.20 3.31 -26.83
CA GLY A 303 -19.01 4.04 -26.40
C GLY A 303 -17.94 4.13 -27.46
N ILE A 304 -17.79 3.05 -28.24
CA ILE A 304 -16.79 3.00 -29.31
C ILE A 304 -17.23 3.93 -30.45
N LYS A 305 -18.53 3.92 -30.74
CA LYS A 305 -19.11 4.75 -31.78
C LYS A 305 -18.89 6.22 -31.43
N LYS A 306 -19.12 6.58 -30.17
CA LYS A 306 -18.93 7.96 -29.73
C LYS A 306 -17.46 8.31 -29.78
N THR A 307 -16.61 7.33 -29.53
CA THR A 307 -15.17 7.53 -29.54
C THR A 307 -14.67 7.70 -30.97
N ILE A 308 -15.26 6.93 -31.89
CA ILE A 308 -14.89 7.01 -33.30
C ILE A 308 -15.25 8.41 -33.81
N ASP A 309 -16.48 8.84 -33.57
CA ASP A 309 -16.94 10.15 -34.01
C ASP A 309 -16.05 11.28 -33.47
N TRP A 310 -15.70 11.21 -32.19
CA TRP A 310 -14.86 12.25 -31.59
C TRP A 310 -13.50 12.38 -32.25
N TYR A 311 -12.81 11.26 -32.46
CA TYR A 311 -11.49 11.30 -33.07
C TYR A 311 -11.48 11.73 -34.52
N LEU A 312 -12.55 11.41 -35.24
CA LEU A 312 -12.61 11.79 -36.64
C LEU A 312 -12.86 13.30 -36.76
N LYS A 313 -13.64 13.86 -35.84
CA LYS A 313 -13.96 15.30 -35.83
C LYS A 313 -12.96 16.17 -35.06
N ASN A 314 -12.00 15.55 -34.41
CA ASN A 314 -11.06 16.34 -33.63
C ASN A 314 -9.62 16.05 -34.01
N GLU A 315 -9.38 15.96 -35.30
CA GLU A 315 -8.05 15.69 -35.80
C GLU A 315 -7.10 16.76 -35.27
N TRP A 316 -7.63 17.94 -34.99
CA TRP A 316 -6.82 19.04 -34.48
C TRP A 316 -6.14 18.67 -33.16
N TRP A 317 -6.84 17.85 -32.35
CA TRP A 317 -6.33 17.43 -31.05
C TRP A 317 -5.26 16.33 -31.07
N TRP A 318 -5.55 15.21 -31.73
CA TRP A 318 -4.61 14.09 -31.75
C TRP A 318 -3.44 14.19 -32.74
N LYS A 319 -3.67 14.91 -33.83
CA LYS A 319 -2.69 15.10 -34.87
C LYS A 319 -1.31 15.55 -34.35
N PRO A 320 -1.27 16.61 -33.53
CA PRO A 320 0.01 17.09 -32.98
C PRO A 320 0.69 16.03 -32.09
N LEU A 321 -0.12 15.11 -31.58
CA LEU A 321 0.40 14.07 -30.69
C LEU A 321 0.95 12.81 -31.35
N VAL A 322 0.51 12.52 -32.57
CA VAL A 322 1.00 11.31 -33.25
C VAL A 322 2.42 11.52 -33.77
N ASP A 323 3.21 10.45 -33.77
CA ASP A 323 4.63 10.54 -34.18
C ASP A 323 4.93 9.87 -35.54
N GLU A 324 5.40 8.61 -35.47
CA GLU A 324 5.77 7.91 -36.71
C GLU A 324 5.65 6.41 -36.52
N ARG A 325 5.95 5.99 -35.29
CA ARG A 325 5.64 4.64 -34.85
C ARG A 325 4.15 4.35 -35.09
N ILE A 326 3.35 5.41 -34.87
CA ILE A 326 1.90 5.29 -34.88
C ILE A 326 1.33 5.31 -36.30
N LEU A 327 1.95 6.13 -37.17
CA LEU A 327 1.48 6.19 -38.56
C LEU A 327 2.29 5.30 -39.51
N HIS A 328 3.26 4.59 -38.93
CA HIS A 328 4.15 3.73 -39.71
C HIS A 328 3.36 2.61 -40.40
N PRO A 329 3.69 2.31 -41.66
CA PRO A 329 2.99 1.26 -42.42
C PRO A 329 3.14 -0.13 -41.81
N THR A 330 4.35 -0.41 -41.33
CA THR A 330 4.72 -1.71 -40.73
C THR A 330 5.40 -1.55 -39.37
N PRO A 331 4.69 -1.03 -38.36
CA PRO A 331 5.27 -0.83 -37.03
C PRO A 331 5.72 -2.08 -36.28
N TRP A 332 5.11 -3.22 -36.60
CA TRP A 332 5.47 -4.48 -35.93
C TRP A 332 6.84 -4.98 -36.37
N LYS A 333 7.52 -4.22 -37.22
CA LYS A 333 8.84 -4.61 -37.69
C LYS A 333 9.94 -3.71 -37.10
N LEU A 334 9.53 -2.55 -36.59
CA LEU A 334 10.44 -1.58 -35.98
C LEU A 334 9.75 -0.23 -35.95
N MET B 1 22.91 -23.53 2.90
CA MET B 1 22.67 -22.16 3.45
C MET B 1 23.60 -21.83 4.61
N HIS B 2 24.50 -22.76 4.93
CA HIS B 2 25.42 -22.53 6.03
C HIS B 2 26.41 -21.42 5.71
N SER B 3 26.92 -20.78 6.76
CA SER B 3 27.88 -19.66 6.66
C SER B 3 27.21 -18.36 6.22
N MET B 4 25.87 -18.37 6.21
CA MET B 4 25.06 -17.23 5.81
C MET B 4 25.31 -15.92 6.55
N LYS B 5 25.53 -14.85 5.80
CA LYS B 5 25.76 -13.53 6.41
C LYS B 5 24.46 -12.73 6.34
N LEU B 6 24.06 -12.13 7.45
CA LEU B 6 22.81 -11.39 7.49
C LEU B 6 22.90 -9.91 7.83
N LEU B 7 22.06 -9.12 7.15
CA LEU B 7 21.94 -7.71 7.44
C LEU B 7 20.61 -7.64 8.18
N VAL B 8 20.65 -7.27 9.45
CA VAL B 8 19.44 -7.17 10.25
C VAL B 8 19.19 -5.69 10.48
N THR B 9 18.04 -5.20 10.02
CA THR B 9 17.73 -3.79 10.22
C THR B 9 16.89 -3.65 11.48
N GLY B 10 17.13 -2.58 12.24
CA GLY B 10 16.39 -2.38 13.47
C GLY B 10 16.77 -3.41 14.51
N GLY B 11 18.01 -3.88 14.45
CA GLY B 11 18.47 -4.89 15.39
C GLY B 11 18.62 -4.44 16.83
N MET B 12 18.59 -3.12 17.05
CA MET B 12 18.75 -2.59 18.40
C MET B 12 17.39 -2.47 19.08
N GLY B 13 16.35 -3.01 18.44
CA GLY B 13 15.02 -2.94 19.02
C GLY B 13 14.63 -4.19 19.80
N PHE B 14 13.38 -4.23 20.24
CA PHE B 14 12.85 -5.35 21.00
C PHE B 14 12.97 -6.66 20.25
N ILE B 15 12.28 -6.78 19.12
CA ILE B 15 12.33 -8.03 18.36
C ILE B 15 13.67 -8.22 17.66
N GLY B 16 14.19 -7.12 17.11
CA GLY B 16 15.48 -7.19 16.42
C GLY B 16 16.57 -7.80 17.27
N SER B 17 16.69 -7.34 18.52
CA SER B 17 17.71 -7.84 19.43
C SER B 17 17.52 -9.31 19.75
N ASN B 18 16.27 -9.69 20.02
CA ASN B 18 15.98 -11.09 20.31
C ASN B 18 16.35 -11.94 19.11
N PHE B 19 16.06 -11.45 17.91
CA PHE B 19 16.37 -12.18 16.69
C PHE B 19 17.87 -12.38 16.55
N ILE B 20 18.62 -11.29 16.70
CA ILE B 20 20.08 -11.36 16.56
C ILE B 20 20.70 -12.33 17.56
N ARG B 21 20.28 -12.25 18.83
CA ARG B 21 20.83 -13.16 19.82
C ARG B 21 20.53 -14.62 19.44
N TYR B 22 19.26 -14.89 19.13
CA TYR B 22 18.84 -16.24 18.75
C TYR B 22 19.68 -16.81 17.61
N ILE B 23 19.74 -16.08 16.50
CA ILE B 23 20.47 -16.52 15.32
C ILE B 23 21.97 -16.77 15.56
N LEU B 24 22.66 -15.84 16.22
CA LEU B 24 24.09 -16.03 16.47
C LEU B 24 24.32 -17.20 17.43
N GLU B 25 23.34 -17.44 18.29
CA GLU B 25 23.43 -18.53 19.26
C GLU B 25 23.21 -19.88 18.57
N LYS B 26 22.25 -19.91 17.64
CA LYS B 26 21.88 -21.13 16.92
C LYS B 26 22.78 -21.52 15.76
N HIS B 27 23.38 -20.53 15.10
CA HIS B 27 24.24 -20.81 13.95
C HIS B 27 25.66 -20.30 14.17
N PRO B 28 26.58 -21.17 14.59
CA PRO B 28 27.99 -20.81 14.85
C PRO B 28 28.79 -20.17 13.73
N ASP B 29 28.45 -20.45 12.47
CA ASP B 29 29.19 -19.85 11.35
C ASP B 29 28.47 -18.74 10.61
N TRP B 30 27.42 -18.19 11.20
CA TRP B 30 26.68 -17.10 10.57
C TRP B 30 27.25 -15.79 11.11
N GLU B 31 27.00 -14.71 10.39
CA GLU B 31 27.49 -13.41 10.81
C GLU B 31 26.32 -12.45 10.72
N VAL B 32 26.36 -11.39 11.52
CA VAL B 32 25.29 -10.42 11.52
C VAL B 32 25.78 -8.98 11.51
N ILE B 33 25.19 -8.19 10.63
CA ILE B 33 25.47 -6.77 10.55
C ILE B 33 24.16 -6.14 10.96
N ASN B 34 24.21 -5.34 12.02
CA ASN B 34 23.03 -4.68 12.55
C ASN B 34 23.05 -3.19 12.21
N ILE B 35 22.12 -2.76 11.37
CA ILE B 35 22.03 -1.35 11.05
C ILE B 35 20.82 -0.81 11.81
N ASP B 36 21.05 0.24 12.60
CA ASP B 36 19.99 0.83 13.39
C ASP B 36 20.32 2.30 13.60
N LYS B 37 19.30 3.15 13.51
CA LYS B 37 19.48 4.60 13.66
C LYS B 37 19.49 5.06 15.12
N LEU B 38 19.18 4.15 16.03
CA LEU B 38 19.14 4.45 17.45
C LEU B 38 18.06 5.48 17.76
N GLY B 39 16.86 5.23 17.23
CA GLY B 39 15.73 6.11 17.46
C GLY B 39 14.81 5.55 18.54
N TYR B 40 13.52 5.87 18.45
CA TYR B 40 12.58 5.37 19.45
C TYR B 40 12.60 3.84 19.46
N GLY B 41 12.62 3.28 20.66
CA GLY B 41 12.62 1.83 20.80
C GLY B 41 14.01 1.22 20.86
N SER B 42 15.01 1.99 20.47
CA SER B 42 16.38 1.50 20.47
C SER B 42 16.97 1.45 21.88
N ASN B 43 17.83 0.46 22.10
CA ASN B 43 18.49 0.30 23.38
C ASN B 43 19.70 -0.61 23.19
N PRO B 44 20.90 -0.02 23.05
CA PRO B 44 22.17 -0.72 22.84
C PRO B 44 22.46 -1.78 23.90
N ALA B 45 21.92 -1.58 25.09
CA ALA B 45 22.13 -2.54 26.18
C ALA B 45 21.56 -3.91 25.83
N ASN B 46 20.65 -3.96 24.87
CA ASN B 46 20.05 -5.23 24.48
C ASN B 46 21.08 -6.22 23.96
N LEU B 47 22.14 -5.72 23.33
CA LEU B 47 23.16 -6.60 22.77
C LEU B 47 24.56 -6.34 23.31
N LYS B 48 24.64 -5.64 24.45
CA LYS B 48 25.92 -5.32 25.06
C LYS B 48 26.78 -6.56 25.29
N ASP B 49 26.15 -7.72 25.46
CA ASP B 49 26.89 -8.96 25.72
C ASP B 49 27.46 -9.71 24.51
N LEU B 50 27.16 -9.26 23.30
CA LEU B 50 27.68 -9.93 22.13
C LEU B 50 28.17 -8.90 21.13
N GLU B 51 28.15 -7.64 21.56
CA GLU B 51 28.57 -6.52 20.73
C GLU B 51 30.04 -6.65 20.33
N ASP B 52 30.79 -7.50 21.02
CA ASP B 52 32.19 -7.68 20.70
C ASP B 52 32.49 -9.01 20.01
N ASP B 53 31.46 -9.83 19.81
CA ASP B 53 31.62 -11.11 19.13
C ASP B 53 32.12 -10.80 17.71
N PRO B 54 33.07 -11.60 17.20
CA PRO B 54 33.62 -11.40 15.86
C PRO B 54 32.60 -11.46 14.73
N ARG B 55 31.56 -12.26 14.90
CA ARG B 55 30.52 -12.42 13.89
C ARG B 55 29.50 -11.29 13.86
N TYR B 56 29.56 -10.41 14.85
CA TYR B 56 28.62 -9.31 14.96
C TYR B 56 29.26 -7.96 14.72
N THR B 57 28.54 -7.09 14.03
CA THR B 57 29.00 -5.75 13.74
C THR B 57 27.82 -4.80 13.68
N PHE B 58 27.94 -3.68 14.38
CA PHE B 58 26.88 -2.69 14.40
C PHE B 58 27.21 -1.48 13.52
N VAL B 59 26.20 -1.01 12.80
CA VAL B 59 26.35 0.15 11.93
C VAL B 59 25.22 1.13 12.26
N LYS B 60 25.58 2.31 12.74
CA LYS B 60 24.58 3.31 13.06
C LYS B 60 24.17 4.04 11.79
N GLY B 61 22.90 3.93 11.42
CA GLY B 61 22.43 4.60 10.23
C GLY B 61 20.97 4.32 9.96
N ASP B 62 20.40 5.04 9.00
CA ASP B 62 19.01 4.90 8.63
C ASP B 62 18.95 4.06 7.35
N VAL B 63 17.96 3.18 7.25
CA VAL B 63 17.82 2.36 6.05
C VAL B 63 17.44 3.24 4.87
N ALA B 64 17.06 4.48 5.15
CA ALA B 64 16.68 5.44 4.12
C ALA B 64 17.94 6.10 3.53
N ASP B 65 19.09 5.80 4.12
CA ASP B 65 20.37 6.33 3.66
C ASP B 65 20.91 5.40 2.57
N TYR B 66 20.52 5.65 1.32
CA TYR B 66 20.92 4.79 0.21
C TYR B 66 22.41 4.46 0.09
N GLU B 67 23.27 5.48 0.14
CA GLU B 67 24.70 5.24 0.01
C GLU B 67 25.26 4.36 1.11
N LEU B 68 24.78 4.53 2.33
CA LEU B 68 25.26 3.71 3.44
C LEU B 68 24.71 2.29 3.39
N VAL B 69 23.40 2.13 3.26
CA VAL B 69 22.83 0.80 3.24
C VAL B 69 23.16 -0.03 2.00
N LYS B 70 23.34 0.61 0.85
CA LYS B 70 23.68 -0.10 -0.38
C LYS B 70 24.94 -0.95 -0.26
N GLU B 71 25.93 -0.46 0.48
CA GLU B 71 27.18 -1.19 0.67
C GLU B 71 26.98 -2.45 1.53
N LEU B 72 26.11 -2.33 2.53
CA LEU B 72 25.84 -3.45 3.42
C LEU B 72 25.03 -4.53 2.69
N VAL B 73 24.02 -4.08 1.94
CA VAL B 73 23.13 -4.98 1.19
C VAL B 73 23.90 -5.81 0.15
N ARG B 74 24.90 -5.20 -0.47
CA ARG B 74 25.68 -5.85 -1.51
C ARG B 74 26.50 -7.06 -1.05
N LYS B 75 26.99 -7.02 0.19
CA LYS B 75 27.84 -8.07 0.73
C LYS B 75 27.20 -9.20 1.55
N VAL B 76 25.91 -9.12 1.84
CA VAL B 76 25.26 -10.17 2.65
C VAL B 76 24.50 -11.19 1.80
N ASP B 77 24.05 -12.26 2.44
CA ASP B 77 23.30 -13.32 1.76
C ASP B 77 21.82 -13.24 2.09
N GLY B 78 21.49 -12.46 3.12
CA GLY B 78 20.11 -12.32 3.51
C GLY B 78 19.87 -11.00 4.22
N VAL B 79 18.63 -10.52 4.12
CA VAL B 79 18.23 -9.26 4.75
C VAL B 79 16.92 -9.48 5.51
N VAL B 80 16.93 -9.19 6.81
CA VAL B 80 15.75 -9.32 7.65
C VAL B 80 15.42 -7.90 8.07
N HIS B 81 14.37 -7.35 7.46
CA HIS B 81 13.96 -5.97 7.70
C HIS B 81 12.98 -5.79 8.87
N LEU B 82 13.51 -5.36 10.00
CA LEU B 82 12.73 -5.15 11.22
C LEU B 82 12.58 -3.67 11.58
N ALA B 83 13.56 -2.86 11.19
CA ALA B 83 13.53 -1.42 11.51
C ALA B 83 12.24 -0.75 11.05
N ALA B 84 11.70 0.09 11.93
CA ALA B 84 10.47 0.79 11.63
C ALA B 84 10.07 1.61 12.84
N GLU B 85 9.24 2.61 12.62
CA GLU B 85 8.70 3.41 13.72
C GLU B 85 7.44 2.58 13.97
N SER B 86 7.29 2.07 15.19
CA SER B 86 6.16 1.18 15.48
C SER B 86 5.22 1.60 16.59
N HIS B 87 5.29 2.85 17.02
CA HIS B 87 4.44 3.33 18.10
C HIS B 87 3.15 3.94 17.54
N VAL B 88 2.01 3.31 17.83
CA VAL B 88 0.73 3.78 17.34
C VAL B 88 0.39 5.23 17.69
N ASP B 89 0.48 5.58 18.97
CA ASP B 89 0.16 6.94 19.37
C ASP B 89 1.06 8.01 18.76
N ARG B 90 2.35 7.73 18.69
CA ARG B 90 3.27 8.69 18.08
C ARG B 90 2.93 8.87 16.60
N SER B 91 2.42 7.81 15.96
CA SER B 91 2.08 7.88 14.53
C SER B 91 0.89 8.81 14.29
N ILE B 92 -0.04 8.87 15.24
CA ILE B 92 -1.20 9.74 15.08
C ILE B 92 -0.77 11.19 15.32
N SER B 93 0.09 11.38 16.32
CA SER B 93 0.60 12.70 16.67
C SER B 93 1.47 13.29 15.55
N SER B 94 2.37 12.48 15.00
CA SER B 94 3.24 12.95 13.93
C SER B 94 3.60 11.81 12.97
N PRO B 95 2.75 11.60 11.95
CA PRO B 95 2.94 10.55 10.94
C PRO B 95 4.15 10.69 10.02
N GLU B 96 4.72 11.88 9.92
CA GLU B 96 5.86 12.08 9.03
C GLU B 96 7.01 11.09 9.26
N ILE B 97 7.45 10.92 10.50
CA ILE B 97 8.54 10.00 10.78
C ILE B 97 8.17 8.57 10.37
N PHE B 98 6.88 8.28 10.38
CA PHE B 98 6.41 6.94 10.01
C PHE B 98 6.45 6.76 8.50
N LEU B 99 6.09 7.79 7.75
CA LEU B 99 6.15 7.71 6.29
C LEU B 99 7.61 7.48 5.90
N HIS B 100 8.50 8.26 6.50
CA HIS B 100 9.93 8.16 6.22
C HIS B 100 10.55 6.79 6.53
N SER B 101 10.52 6.38 7.79
CA SER B 101 11.09 5.10 8.17
C SER B 101 10.40 3.90 7.54
N ASN B 102 9.08 3.84 7.65
CA ASN B 102 8.32 2.71 7.13
C ASN B 102 8.18 2.62 5.61
N VAL B 103 7.76 3.72 4.98
CA VAL B 103 7.60 3.71 3.54
C VAL B 103 8.89 4.05 2.79
N ILE B 104 9.50 5.20 3.09
CA ILE B 104 10.74 5.58 2.42
C ILE B 104 11.86 4.61 2.73
N GLY B 105 12.00 4.26 4.01
CA GLY B 105 13.03 3.33 4.42
C GLY B 105 12.94 1.99 3.69
N THR B 106 11.75 1.43 3.59
CA THR B 106 11.56 0.15 2.90
C THR B 106 11.85 0.31 1.40
N TYR B 107 11.34 1.40 0.82
CA TYR B 107 11.56 1.70 -0.59
C TYR B 107 13.06 1.77 -0.91
N THR B 108 13.82 2.45 -0.06
CA THR B 108 15.26 2.61 -0.24
C THR B 108 15.97 1.25 -0.15
N LEU B 109 15.57 0.44 0.82
CA LEU B 109 16.15 -0.88 1.00
C LEU B 109 15.83 -1.75 -0.22
N LEU B 110 14.60 -1.63 -0.72
CA LEU B 110 14.19 -2.40 -1.89
C LEU B 110 15.03 -1.99 -3.11
N GLU B 111 15.30 -0.70 -3.23
CA GLU B 111 16.10 -0.23 -4.34
C GLU B 111 17.54 -0.76 -4.23
N SER B 112 18.06 -0.82 -3.01
CA SER B 112 19.41 -1.32 -2.76
C SER B 112 19.52 -2.77 -3.21
N ILE B 113 18.47 -3.55 -2.90
CA ILE B 113 18.40 -4.96 -3.24
C ILE B 113 18.34 -5.18 -4.75
N ARG B 114 17.35 -4.58 -5.41
CA ARG B 114 17.18 -4.74 -6.85
C ARG B 114 18.39 -4.27 -7.65
N ARG B 115 19.07 -3.23 -7.16
CA ARG B 115 20.21 -2.68 -7.86
C ARG B 115 21.57 -3.26 -7.49
N GLU B 116 21.74 -3.69 -6.25
CA GLU B 116 23.03 -4.23 -5.81
C GLU B 116 23.09 -5.71 -5.42
N ASN B 117 21.95 -6.33 -5.19
CA ASN B 117 21.96 -7.73 -4.79
C ASN B 117 20.57 -8.36 -4.99
N PRO B 118 20.07 -8.36 -6.23
CA PRO B 118 18.75 -8.93 -6.51
C PRO B 118 18.55 -10.38 -6.06
N GLU B 119 19.64 -11.09 -5.83
CA GLU B 119 19.56 -12.49 -5.41
C GLU B 119 19.57 -12.69 -3.90
N VAL B 120 19.73 -11.62 -3.13
CA VAL B 120 19.76 -11.75 -1.68
C VAL B 120 18.39 -12.25 -1.16
N ARG B 121 18.40 -13.01 -0.06
CA ARG B 121 17.16 -13.50 0.52
C ARG B 121 16.63 -12.43 1.46
N PHE B 122 15.48 -11.87 1.09
CA PHE B 122 14.87 -10.80 1.85
C PHE B 122 13.58 -11.20 2.57
N VAL B 123 13.50 -10.84 3.85
CA VAL B 123 12.32 -11.09 4.65
C VAL B 123 11.89 -9.73 5.20
N HIS B 124 10.70 -9.30 4.81
CA HIS B 124 10.14 -8.02 5.27
C HIS B 124 9.22 -8.34 6.45
N VAL B 125 9.54 -7.77 7.62
CA VAL B 125 8.75 -8.02 8.83
C VAL B 125 7.65 -6.98 9.03
N SER B 126 6.41 -7.46 9.07
CA SER B 126 5.26 -6.58 9.22
C SER B 126 4.33 -6.96 10.39
N THR B 127 3.13 -6.37 10.43
CA THR B 127 2.20 -6.56 11.55
C THR B 127 0.75 -6.96 11.25
N ASP B 128 0.10 -7.56 12.24
CA ASP B 128 -1.30 -7.96 12.09
C ASP B 128 -2.21 -6.74 12.06
N GLU B 129 -1.66 -5.59 12.44
CA GLU B 129 -2.45 -4.36 12.46
C GLU B 129 -2.84 -3.89 11.06
N VAL B 130 -2.12 -4.35 10.03
CA VAL B 130 -2.45 -3.93 8.67
C VAL B 130 -3.83 -4.38 8.23
N TYR B 131 -4.34 -5.49 8.78
CA TYR B 131 -5.66 -5.99 8.39
C TYR B 131 -6.78 -5.23 9.09
N GLY B 132 -6.42 -4.54 10.17
CA GLY B 132 -7.42 -3.79 10.89
C GLY B 132 -8.26 -4.68 11.81
N ASP B 133 -9.35 -4.10 12.27
CA ASP B 133 -10.28 -4.74 13.19
C ASP B 133 -11.09 -5.90 12.59
N ILE B 134 -11.41 -6.88 13.43
CA ILE B 134 -12.22 -8.03 13.03
C ILE B 134 -12.95 -8.61 14.25
N LEU B 135 -14.27 -8.45 14.25
CA LEU B 135 -15.13 -8.92 15.32
C LEU B 135 -15.06 -10.42 15.57
N LYS B 136 -15.18 -11.20 14.50
CA LYS B 136 -15.16 -12.65 14.61
C LYS B 136 -14.35 -13.28 13.49
N GLY B 137 -13.67 -14.38 13.77
CA GLY B 137 -12.87 -15.01 12.75
C GLY B 137 -11.46 -14.45 12.72
N SER B 138 -10.72 -14.76 11.65
CA SER B 138 -9.33 -14.32 11.50
C SER B 138 -9.02 -14.02 10.03
N PHE B 139 -8.03 -13.17 9.79
CA PHE B 139 -7.63 -12.80 8.42
C PHE B 139 -6.57 -13.74 7.85
N THR B 140 -6.69 -14.05 6.57
CA THR B 140 -5.72 -14.89 5.88
C THR B 140 -4.91 -13.91 5.03
N GLU B 141 -3.82 -14.40 4.46
CA GLU B 141 -2.97 -13.55 3.63
C GLU B 141 -3.70 -13.10 2.35
N ASN B 142 -4.84 -13.71 2.05
CA ASN B 142 -5.58 -13.33 0.86
C ASN B 142 -6.64 -12.25 1.10
N ASP B 143 -6.72 -11.75 2.33
CA ASP B 143 -7.70 -10.72 2.65
C ASP B 143 -7.13 -9.30 2.50
N ARG B 144 -8.02 -8.37 2.19
CA ARG B 144 -7.68 -6.96 2.04
C ARG B 144 -7.13 -6.42 3.35
N LEU B 145 -6.42 -5.31 3.27
CA LEU B 145 -5.88 -4.65 4.44
C LEU B 145 -6.84 -3.50 4.77
N MET B 146 -6.78 -3.01 6.01
CA MET B 146 -7.64 -1.92 6.44
C MET B 146 -6.97 -1.28 7.66
N PRO B 147 -5.76 -0.72 7.47
CA PRO B 147 -5.02 -0.08 8.57
C PRO B 147 -5.79 1.07 9.18
N SER B 148 -5.79 1.16 10.51
CA SER B 148 -6.53 2.20 11.20
C SER B 148 -5.68 3.30 11.82
N SER B 149 -4.37 3.25 11.63
CA SER B 149 -3.49 4.29 12.16
C SER B 149 -2.39 4.59 11.15
N PRO B 150 -1.67 5.72 11.31
CA PRO B 150 -0.60 6.03 10.36
C PRO B 150 0.47 4.95 10.42
N TYR B 151 0.69 4.43 11.62
CA TYR B 151 1.67 3.37 11.82
C TYR B 151 1.32 2.16 10.95
N SER B 152 0.12 1.64 11.10
CA SER B 152 -0.26 0.45 10.32
C SER B 152 -0.47 0.75 8.85
N ALA B 153 -0.84 1.99 8.52
CA ALA B 153 -1.05 2.38 7.14
C ALA B 153 0.27 2.43 6.38
N THR B 154 1.30 2.97 7.02
CA THR B 154 2.60 3.07 6.38
C THR B 154 3.25 1.68 6.35
N LYS B 155 2.96 0.84 7.35
CA LYS B 155 3.49 -0.52 7.32
C LYS B 155 2.81 -1.23 6.15
N ALA B 156 1.52 -0.97 5.97
CA ALA B 156 0.76 -1.60 4.90
C ALA B 156 1.28 -1.10 3.55
N ALA B 157 1.63 0.19 3.49
CA ALA B 157 2.15 0.76 2.25
C ALA B 157 3.48 0.09 1.92
N SER B 158 4.30 -0.14 2.95
CA SER B 158 5.60 -0.80 2.75
C SER B 158 5.39 -2.22 2.22
N ASP B 159 4.43 -2.95 2.78
CA ASP B 159 4.14 -4.31 2.31
C ASP B 159 3.90 -4.31 0.80
N MET B 160 3.06 -3.38 0.36
CA MET B 160 2.71 -3.25 -1.05
C MET B 160 3.93 -3.00 -1.95
N LEU B 161 4.83 -2.13 -1.52
CA LEU B 161 6.03 -1.86 -2.30
C LEU B 161 6.83 -3.14 -2.45
N VAL B 162 6.97 -3.89 -1.35
CA VAL B 162 7.71 -5.13 -1.38
C VAL B 162 7.13 -6.12 -2.38
N LEU B 163 5.82 -6.27 -2.38
CA LEU B 163 5.17 -7.20 -3.31
C LEU B 163 5.45 -6.80 -4.77
N GLY B 164 5.24 -5.52 -5.07
CA GLY B 164 5.47 -5.01 -6.41
C GLY B 164 6.91 -5.15 -6.86
N TRP B 165 7.86 -4.75 -6.01
CA TRP B 165 9.28 -4.86 -6.36
C TRP B 165 9.70 -6.32 -6.57
N THR B 166 9.25 -7.21 -5.72
CA THR B 166 9.60 -8.62 -5.84
C THR B 166 9.21 -9.17 -7.22
N ARG B 167 8.01 -8.85 -7.68
CA ARG B 167 7.56 -9.34 -8.97
C ARG B 167 8.19 -8.58 -10.13
N THR B 168 8.45 -7.30 -9.92
CA THR B 168 9.05 -6.48 -10.97
C THR B 168 10.49 -6.86 -11.26
N TYR B 169 11.31 -6.99 -10.21
CA TYR B 169 12.72 -7.31 -10.37
C TYR B 169 13.08 -8.75 -10.04
N ASN B 170 12.07 -9.62 -10.00
CA ASN B 170 12.26 -11.04 -9.69
C ASN B 170 13.13 -11.28 -8.46
N LEU B 171 12.75 -10.63 -7.35
CA LEU B 171 13.52 -10.79 -6.12
C LEU B 171 13.14 -12.06 -5.37
N ASN B 172 13.96 -12.41 -4.39
CA ASN B 172 13.73 -13.58 -3.55
C ASN B 172 13.33 -12.94 -2.24
N ALA B 173 12.04 -12.68 -2.06
CA ALA B 173 11.58 -12.01 -0.87
C ALA B 173 10.19 -12.45 -0.42
N SER B 174 10.01 -12.48 0.90
CA SER B 174 8.74 -12.85 1.51
C SER B 174 8.41 -11.81 2.59
N ILE B 175 7.14 -11.79 3.00
CA ILE B 175 6.69 -10.86 4.02
C ILE B 175 6.11 -11.65 5.19
N THR B 176 6.37 -11.19 6.41
CA THR B 176 5.79 -11.85 7.59
C THR B 176 4.96 -10.84 8.36
N ARG B 177 3.82 -11.29 8.87
CA ARG B 177 2.93 -10.45 9.66
C ARG B 177 2.60 -11.22 10.93
N CYS B 178 3.14 -10.75 12.06
CA CYS B 178 2.90 -11.41 13.34
C CYS B 178 2.01 -10.61 14.27
N THR B 179 1.65 -11.23 15.39
CA THR B 179 0.79 -10.58 16.35
C THR B 179 1.63 -9.92 17.45
N ASN B 180 0.98 -9.51 18.54
CA ASN B 180 1.67 -8.86 19.66
C ASN B 180 2.78 -9.71 20.24
N ASN B 181 4.01 -9.20 20.21
CA ASN B 181 5.10 -9.95 20.80
C ASN B 181 5.22 -9.57 22.28
N TYR B 182 5.84 -10.44 23.06
CA TYR B 182 6.07 -10.19 24.48
C TYR B 182 7.23 -11.08 24.84
N GLY B 183 7.98 -10.68 25.86
CA GLY B 183 9.13 -11.47 26.27
C GLY B 183 10.29 -10.59 26.67
N PRO B 184 11.51 -11.15 26.75
CA PRO B 184 12.69 -10.38 27.14
C PRO B 184 12.96 -9.15 26.28
N TYR B 185 13.44 -8.09 26.91
CA TYR B 185 13.81 -6.87 26.22
C TYR B 185 12.71 -5.96 25.68
N GLN B 186 11.49 -6.11 26.15
CA GLN B 186 10.40 -5.25 25.69
C GLN B 186 10.36 -4.08 26.67
N PHE B 187 10.24 -2.86 26.15
CA PHE B 187 10.20 -1.68 27.01
C PHE B 187 9.06 -1.68 28.03
N PRO B 188 9.31 -1.07 29.20
CA PRO B 188 8.36 -0.96 30.30
C PRO B 188 7.02 -0.32 29.98
N GLU B 189 6.98 0.46 28.91
CA GLU B 189 5.74 1.12 28.54
C GLU B 189 4.66 0.14 28.07
N LYS B 190 5.10 -1.00 27.53
CA LYS B 190 4.17 -2.00 27.01
C LYS B 190 3.40 -2.74 28.10
N LEU B 191 2.21 -3.21 27.73
CA LEU B 191 1.32 -3.90 28.66
C LEU B 191 1.95 -4.89 29.62
N ILE B 192 2.46 -6.00 29.08
CA ILE B 192 3.05 -7.02 29.92
C ILE B 192 4.23 -6.58 30.78
N PRO B 193 5.23 -5.90 30.22
CA PRO B 193 6.35 -5.46 31.05
C PRO B 193 5.88 -4.50 32.15
N LYS B 194 4.96 -3.61 31.78
CA LYS B 194 4.46 -2.63 32.71
C LYS B 194 3.72 -3.27 33.88
N THR B 195 2.86 -4.25 33.57
CA THR B 195 2.09 -4.94 34.58
C THR B 195 3.01 -5.66 35.56
N ILE B 196 4.03 -6.35 35.04
CA ILE B 196 4.98 -7.08 35.88
C ILE B 196 5.75 -6.16 36.82
N ILE B 197 6.21 -5.04 36.28
CA ILE B 197 6.97 -4.07 37.08
C ILE B 197 6.09 -3.39 38.12
N ARG B 198 4.92 -2.93 37.71
CA ARG B 198 3.99 -2.28 38.63
C ARG B 198 3.66 -3.27 39.75
N ALA B 199 3.22 -4.46 39.35
CA ALA B 199 2.86 -5.51 40.29
C ALA B 199 3.98 -5.83 41.29
N SER B 200 5.22 -5.90 40.80
CA SER B 200 6.35 -6.19 41.68
C SER B 200 6.61 -5.06 42.67
N LEU B 201 5.87 -3.97 42.53
CA LEU B 201 6.03 -2.81 43.41
C LEU B 201 4.76 -2.54 44.20
N GLY B 202 3.82 -3.49 44.15
CA GLY B 202 2.57 -3.33 44.86
C GLY B 202 1.76 -2.16 44.38
N LEU B 203 2.06 -1.69 43.18
CA LEU B 203 1.35 -0.56 42.61
C LEU B 203 0.13 -1.06 41.83
N LYS B 204 -0.88 -0.20 41.73
CA LYS B 204 -2.09 -0.56 41.00
C LYS B 204 -1.80 -0.67 39.51
N ILE B 205 -2.52 -1.54 38.84
CA ILE B 205 -2.32 -1.78 37.42
C ILE B 205 -3.23 -0.97 36.50
N PRO B 206 -2.63 -0.11 35.68
CA PRO B 206 -3.35 0.73 34.71
C PRO B 206 -3.79 -0.06 33.51
N ILE B 207 -5.08 -0.34 33.36
CA ILE B 207 -5.55 -0.91 32.12
C ILE B 207 -6.22 0.16 31.28
N TYR B 208 -6.23 -0.05 29.96
CA TYR B 208 -6.74 1.03 29.13
C TYR B 208 -8.20 0.87 28.72
N GLY B 209 -8.90 2.02 28.75
CA GLY B 209 -10.33 1.98 28.51
C GLY B 209 -10.96 0.91 29.40
N THR B 210 -11.48 -0.14 28.74
CA THR B 210 -12.12 -1.20 29.50
C THR B 210 -11.29 -2.49 29.48
N GLY B 211 -10.18 -2.44 28.73
CA GLY B 211 -9.28 -3.59 28.69
C GLY B 211 -9.92 -4.80 28.01
N LYS B 212 -10.93 -4.52 27.17
CA LYS B 212 -11.58 -5.60 26.46
C LYS B 212 -10.96 -5.83 25.08
N ASN B 213 -9.95 -5.02 24.77
CA ASN B 213 -9.25 -5.15 23.49
C ASN B 213 -8.66 -6.56 23.39
N VAL B 214 -8.95 -7.25 22.29
CA VAL B 214 -8.44 -8.61 22.09
C VAL B 214 -7.22 -8.61 21.17
N ARG B 215 -6.17 -9.28 21.61
CA ARG B 215 -4.92 -9.38 20.85
C ARG B 215 -4.38 -10.81 20.97
N ASP B 216 -3.65 -11.27 19.97
CA ASP B 216 -3.03 -12.59 20.03
C ASP B 216 -1.65 -12.32 20.61
N TRP B 217 -1.25 -13.11 21.60
CA TRP B 217 0.04 -12.92 22.21
C TRP B 217 1.02 -14.00 21.79
N LEU B 218 2.12 -13.55 21.19
CA LEU B 218 3.15 -14.42 20.66
C LEU B 218 4.48 -14.20 21.38
N TYR B 219 5.04 -15.28 21.92
CA TYR B 219 6.31 -15.17 22.62
C TYR B 219 7.35 -14.77 21.58
N VAL B 220 8.11 -13.71 21.87
CA VAL B 220 9.11 -13.21 20.93
C VAL B 220 10.02 -14.30 20.34
N GLU B 221 10.43 -15.28 21.13
CA GLU B 221 11.29 -16.32 20.58
C GLU B 221 10.58 -17.17 19.52
N ASP B 222 9.27 -17.41 19.68
CA ASP B 222 8.55 -18.18 18.67
C ASP B 222 8.42 -17.34 17.40
N HIS B 223 8.37 -16.02 17.57
CA HIS B 223 8.28 -15.12 16.42
C HIS B 223 9.59 -15.20 15.63
N VAL B 224 10.73 -15.12 16.33
CA VAL B 224 12.01 -15.18 15.64
C VAL B 224 12.23 -16.55 15.01
N ARG B 225 11.72 -17.61 15.64
CA ARG B 225 11.85 -18.94 15.07
C ARG B 225 11.11 -18.94 13.73
N ALA B 226 9.92 -18.32 13.74
CA ALA B 226 9.10 -18.22 12.54
C ALA B 226 9.86 -17.43 11.48
N ILE B 227 10.49 -16.33 11.89
CA ILE B 227 11.26 -15.51 10.96
C ILE B 227 12.37 -16.35 10.34
N GLU B 228 13.09 -17.10 11.17
CA GLU B 228 14.17 -17.95 10.68
C GLU B 228 13.65 -18.94 9.64
N LEU B 229 12.53 -19.57 9.95
CA LEU B 229 11.92 -20.54 9.04
C LEU B 229 11.57 -19.93 7.69
N VAL B 230 10.97 -18.75 7.71
CA VAL B 230 10.60 -18.07 6.47
C VAL B 230 11.88 -17.70 5.71
N LEU B 231 12.89 -17.18 6.42
CA LEU B 231 14.16 -16.81 5.77
C LEU B 231 14.74 -17.99 4.99
N LEU B 232 14.90 -19.12 5.68
CA LEU B 232 15.49 -20.32 5.07
C LEU B 232 14.61 -21.15 4.14
N LYS B 233 13.31 -21.23 4.42
CA LYS B 233 12.42 -22.06 3.59
C LYS B 233 11.21 -21.39 2.96
N GLY B 234 10.95 -20.13 3.33
CA GLY B 234 9.80 -19.42 2.77
C GLY B 234 9.89 -19.19 1.27
N GLU B 235 8.74 -19.06 0.62
CA GLU B 235 8.70 -18.85 -0.82
C GLU B 235 8.63 -17.37 -1.17
N SER B 236 9.31 -17.00 -2.25
CA SER B 236 9.32 -15.63 -2.70
C SER B 236 7.94 -15.21 -3.17
N ARG B 237 7.59 -13.95 -2.93
CA ARG B 237 6.30 -13.41 -3.31
C ARG B 237 5.16 -13.87 -2.40
N GLU B 238 5.52 -14.60 -1.35
CA GLU B 238 4.52 -15.09 -0.41
C GLU B 238 4.53 -14.31 0.90
N ILE B 239 3.35 -14.13 1.48
CA ILE B 239 3.20 -13.46 2.77
C ILE B 239 2.87 -14.57 3.76
N TYR B 240 3.45 -14.49 4.96
CA TYR B 240 3.21 -15.50 5.99
C TYR B 240 2.70 -14.88 7.29
N ASN B 241 1.45 -15.18 7.64
CA ASN B 241 0.89 -14.68 8.90
C ASN B 241 1.52 -15.52 10.00
N ILE B 242 1.75 -14.92 11.16
CA ILE B 242 2.35 -15.64 12.29
C ILE B 242 1.52 -15.31 13.54
N SER B 243 0.84 -16.32 14.09
CA SER B 243 0.03 -16.13 15.28
C SER B 243 0.12 -17.36 16.20
N ALA B 244 0.01 -17.13 17.51
CA ALA B 244 0.11 -18.22 18.48
C ALA B 244 -1.19 -18.93 18.83
N GLY B 245 -2.33 -18.30 18.55
CA GLY B 245 -3.60 -18.91 18.89
C GLY B 245 -3.86 -18.70 20.36
N GLU B 246 -3.35 -17.59 20.88
CA GLU B 246 -3.50 -17.21 22.29
C GLU B 246 -4.15 -15.83 22.36
N GLU B 247 -5.41 -15.77 21.95
CA GLU B 247 -6.13 -14.51 21.95
C GLU B 247 -6.78 -14.23 23.30
N LYS B 248 -6.41 -13.09 23.87
CA LYS B 248 -6.93 -12.69 25.18
C LYS B 248 -7.18 -11.18 25.25
N THR B 249 -8.08 -10.76 26.13
CA THR B 249 -8.37 -9.34 26.31
C THR B 249 -7.23 -8.82 27.17
N ASN B 250 -7.00 -7.51 27.17
CA ASN B 250 -5.93 -6.97 27.99
C ASN B 250 -6.17 -7.26 29.47
N LEU B 251 -7.44 -7.28 29.87
CA LEU B 251 -7.79 -7.55 31.27
C LEU B 251 -7.38 -8.98 31.65
N GLU B 252 -7.67 -9.92 30.76
CA GLU B 252 -7.32 -11.32 30.97
C GLU B 252 -5.81 -11.49 31.15
N VAL B 253 -5.03 -10.81 30.31
CA VAL B 253 -3.58 -10.90 30.40
C VAL B 253 -3.09 -10.40 31.78
N VAL B 254 -3.64 -9.28 32.23
CA VAL B 254 -3.24 -8.72 33.51
C VAL B 254 -3.57 -9.65 34.68
N LYS B 255 -4.78 -10.20 34.69
CA LYS B 255 -5.18 -11.10 35.76
C LYS B 255 -4.28 -12.33 35.81
N ILE B 256 -3.90 -12.85 34.65
CA ILE B 256 -3.02 -14.00 34.60
C ILE B 256 -1.69 -13.65 35.27
N ILE B 257 -1.08 -12.54 34.84
CA ILE B 257 0.19 -12.13 35.40
C ILE B 257 0.12 -11.95 36.93
N LEU B 258 -0.94 -11.29 37.40
CA LEU B 258 -1.08 -11.06 38.84
C LEU B 258 -1.14 -12.36 39.63
N ARG B 259 -1.94 -13.30 39.15
CA ARG B 259 -2.08 -14.60 39.79
C ARG B 259 -0.72 -15.29 39.94
N LEU B 260 0.02 -15.35 38.85
CA LEU B 260 1.33 -15.98 38.83
C LEU B 260 2.38 -15.24 39.65
N MET B 261 2.11 -13.98 39.97
CA MET B 261 3.05 -13.18 40.75
C MET B 261 2.67 -13.11 42.22
N GLY B 262 1.47 -13.59 42.54
CA GLY B 262 0.99 -13.60 43.91
C GLY B 262 0.28 -12.35 44.38
N LYS B 263 -0.20 -11.53 43.44
CA LYS B 263 -0.90 -10.30 43.81
C LYS B 263 -2.41 -10.45 43.61
N GLY B 264 -3.17 -9.52 44.16
CA GLY B 264 -4.62 -9.59 44.05
C GLY B 264 -5.19 -8.77 42.91
N GLU B 265 -6.31 -9.22 42.37
CA GLU B 265 -6.95 -8.52 41.27
C GLU B 265 -7.55 -7.20 41.70
N GLU B 266 -7.27 -6.78 42.94
CA GLU B 266 -7.80 -5.52 43.41
C GLU B 266 -6.88 -4.37 42.99
N LEU B 267 -5.68 -4.72 42.55
CA LEU B 267 -4.72 -3.72 42.12
C LEU B 267 -5.14 -3.16 40.76
N ILE B 268 -6.06 -3.86 40.09
CA ILE B 268 -6.54 -3.47 38.78
C ILE B 268 -7.43 -2.23 38.82
N GLU B 269 -6.98 -1.20 38.07
CA GLU B 269 -7.80 0.00 37.93
C GLU B 269 -7.77 0.50 36.48
N LEU B 270 -8.94 0.45 35.83
CA LEU B 270 -9.01 0.93 34.46
C LEU B 270 -8.78 2.45 34.36
N VAL B 271 -7.80 2.79 33.50
CA VAL B 271 -7.60 4.18 33.08
C VAL B 271 -8.03 4.34 31.62
N GLU B 272 -8.53 5.54 31.29
CA GLU B 272 -9.22 5.66 30.00
C GLU B 272 -8.38 6.30 28.90
N ASP B 273 -8.27 5.55 27.80
CA ASP B 273 -7.57 6.05 26.62
C ASP B 273 -7.79 5.13 25.43
N ARG B 274 -8.29 5.72 24.33
CA ARG B 274 -8.62 4.83 23.22
C ARG B 274 -8.99 5.62 21.96
N PRO B 275 -7.95 6.24 21.37
CA PRO B 275 -8.10 6.97 20.12
C PRO B 275 -8.07 6.05 18.90
N GLY B 276 -6.84 5.67 18.51
CA GLY B 276 -6.69 4.95 17.25
C GLY B 276 -6.46 3.45 17.44
N HIS B 277 -6.72 2.98 18.68
CA HIS B 277 -6.61 1.55 18.93
C HIS B 277 -7.92 0.81 18.60
N ASP B 278 -7.75 -0.45 18.12
CA ASP B 278 -8.89 -1.23 17.60
C ASP B 278 -9.28 -2.36 18.56
N LEU B 279 -10.58 -2.78 18.46
CA LEU B 279 -11.10 -3.80 19.36
C LEU B 279 -10.38 -5.16 19.29
N ARG B 280 -10.29 -5.75 18.08
CA ARG B 280 -9.73 -7.10 18.00
C ARG B 280 -8.90 -7.37 16.72
N TYR B 281 -7.71 -7.95 16.92
CA TYR B 281 -6.83 -8.34 15.81
C TYR B 281 -6.70 -9.85 15.86
N SER B 282 -6.79 -10.50 14.70
CA SER B 282 -6.69 -11.95 14.64
C SER B 282 -6.18 -12.44 13.29
N LEU B 283 -5.09 -13.22 13.31
CA LEU B 283 -4.51 -13.75 12.09
C LEU B 283 -4.64 -15.26 11.99
N ASP B 284 -4.88 -15.72 10.77
CA ASP B 284 -4.98 -17.14 10.45
C ASP B 284 -3.56 -17.49 9.98
N SER B 285 -2.79 -18.21 10.80
CA SER B 285 -1.43 -18.58 10.42
C SER B 285 -1.32 -20.01 9.92
N TRP B 286 -2.38 -20.50 9.26
CA TRP B 286 -2.36 -21.85 8.73
C TRP B 286 -1.29 -22.07 7.66
N LYS B 287 -1.13 -21.08 6.79
CA LYS B 287 -0.17 -21.15 5.69
C LYS B 287 1.24 -21.55 6.12
N ILE B 288 1.81 -20.82 7.08
CA ILE B 288 3.16 -21.11 7.56
C ILE B 288 3.25 -22.43 8.32
N THR B 289 2.17 -22.79 9.01
CA THR B 289 2.18 -24.06 9.74
C THR B 289 2.17 -25.20 8.72
N ARG B 290 1.30 -25.11 7.73
CA ARG B 290 1.18 -26.14 6.68
C ARG B 290 2.44 -26.26 5.82
N ASP B 291 2.92 -25.14 5.29
CA ASP B 291 4.09 -25.18 4.42
C ASP B 291 5.44 -25.29 5.11
N LEU B 292 5.65 -24.48 6.14
CA LEU B 292 6.94 -24.48 6.82
C LEU B 292 6.96 -25.23 8.14
N LYS B 293 5.84 -25.85 8.49
CA LYS B 293 5.74 -26.63 9.73
C LYS B 293 6.01 -25.84 11.01
N TRP B 294 5.70 -24.55 11.01
CA TRP B 294 5.92 -23.75 12.21
C TRP B 294 4.75 -23.83 13.18
N ARG B 295 5.09 -23.96 14.45
CA ARG B 295 4.12 -24.00 15.54
C ARG B 295 4.79 -23.42 16.79
N PRO B 296 4.02 -22.74 17.64
CA PRO B 296 4.62 -22.17 18.85
C PRO B 296 5.30 -23.23 19.71
N LYS B 297 6.49 -22.92 20.21
CA LYS B 297 7.22 -23.85 21.05
C LYS B 297 6.74 -23.65 22.49
N TYR B 298 6.18 -22.49 22.77
CA TYR B 298 5.71 -22.16 24.11
C TYR B 298 4.26 -21.72 24.10
N THR B 299 3.47 -22.17 25.08
CA THR B 299 2.08 -21.75 25.17
C THR B 299 2.17 -20.38 25.83
N PHE B 300 1.04 -19.68 25.95
CA PHE B 300 1.10 -18.37 26.60
C PHE B 300 1.47 -18.60 28.07
N ASP B 301 0.89 -19.64 28.65
CA ASP B 301 1.17 -19.96 30.05
C ASP B 301 2.66 -20.08 30.30
N GLU B 302 3.35 -20.85 29.46
CA GLU B 302 4.78 -21.05 29.60
C GLU B 302 5.55 -19.78 29.25
N GLY B 303 5.07 -19.07 28.23
CA GLY B 303 5.73 -17.84 27.82
C GLY B 303 5.67 -16.73 28.82
N ILE B 304 4.50 -16.53 29.42
CA ILE B 304 4.34 -15.46 30.41
C ILE B 304 5.16 -15.75 31.68
N LYS B 305 5.38 -17.02 31.99
CA LYS B 305 6.17 -17.39 33.17
C LYS B 305 7.65 -17.09 32.90
N LYS B 306 8.09 -17.36 31.67
CA LYS B 306 9.47 -17.09 31.30
C LYS B 306 9.70 -15.57 31.31
N THR B 307 8.67 -14.83 30.90
CA THR B 307 8.74 -13.37 30.84
C THR B 307 8.78 -12.76 32.24
N ILE B 308 7.84 -13.16 33.08
CA ILE B 308 7.79 -12.65 34.46
C ILE B 308 9.14 -12.85 35.12
N ASP B 309 9.69 -14.05 34.95
CA ASP B 309 10.97 -14.41 35.52
C ASP B 309 12.10 -13.52 34.98
N TRP B 310 12.15 -13.33 33.66
CA TRP B 310 13.20 -12.51 33.07
C TRP B 310 13.21 -11.10 33.65
N TYR B 311 12.04 -10.47 33.75
CA TYR B 311 11.98 -9.12 34.28
C TYR B 311 12.38 -9.02 35.75
N LEU B 312 11.95 -9.96 36.57
CA LEU B 312 12.31 -9.91 37.98
C LEU B 312 13.80 -10.15 38.17
N LYS B 313 14.41 -10.92 37.27
CA LYS B 313 15.84 -11.23 37.34
C LYS B 313 16.73 -10.26 36.57
N ASN B 314 16.13 -9.33 35.84
CA ASN B 314 16.90 -8.38 35.06
C ASN B 314 16.50 -6.93 35.27
N GLU B 315 16.29 -6.55 36.52
CA GLU B 315 15.92 -5.18 36.83
C GLU B 315 16.97 -4.22 36.29
N TRP B 316 18.19 -4.71 36.18
CA TRP B 316 19.30 -3.90 35.69
C TRP B 316 18.98 -3.31 34.31
N TRP B 317 18.13 -4.00 33.56
CA TRP B 317 17.77 -3.56 32.22
C TRP B 317 16.68 -2.49 32.19
N TRP B 318 15.55 -2.77 32.81
CA TRP B 318 14.45 -1.80 32.80
C TRP B 318 14.55 -0.66 33.81
N LYS B 319 15.52 -0.73 34.70
CA LYS B 319 15.69 0.30 35.73
C LYS B 319 15.75 1.72 35.16
N PRO B 320 16.69 1.99 34.23
CA PRO B 320 16.79 3.34 33.66
C PRO B 320 15.80 3.64 32.53
N LEU B 321 14.96 2.68 32.20
CA LEU B 321 13.97 2.85 31.14
C LEU B 321 12.65 3.27 31.74
N VAL B 322 12.53 3.05 33.05
CA VAL B 322 11.31 3.47 33.73
C VAL B 322 11.35 4.97 34.04
N ASP B 323 10.36 5.68 33.49
CA ASP B 323 10.29 7.11 33.74
C ASP B 323 9.54 7.39 35.04
N GLU B 324 9.14 8.67 35.22
CA GLU B 324 8.27 8.98 36.33
C GLU B 324 6.91 8.31 36.13
N ARG B 325 6.34 8.53 34.92
CA ARG B 325 5.10 7.86 34.58
C ARG B 325 5.23 6.35 34.74
#